data_7WP8
#
_entry.id   7WP8
#
_cell.length_a   1.00
_cell.length_b   1.00
_cell.length_c   1.00
_cell.angle_alpha   90.00
_cell.angle_beta   90.00
_cell.angle_gamma   90.00
#
_symmetry.space_group_name_H-M   'P 1'
#
loop_
_entity.id
_entity.type
_entity.pdbx_description
1 polymer '83H7 light chain'
2 polymer '83H7 heavy chain'
3 polymer '2B4 heavy chain'
4 polymer 'Spike glycoprotein'
5 polymer '2B4 light chain'
6 polymer '85F7 heavy chain'
7 polymer '85F7 light chain'
8 branched 2-acetamido-2-deoxy-beta-D-glucopyranose-(1-4)-2-acetamido-2-deoxy-beta-D-glucopyranose
9 non-polymer 2-acetamido-2-deoxy-beta-D-glucopyranose
#
loop_
_entity_poly.entity_id
_entity_poly.type
_entity_poly.pdbx_seq_one_letter_code
_entity_poly.pdbx_strand_id
1 'polypeptide(L)'
;VMTQSHKFLSTSVGDRVNITCKASQDVDTAVAWYQQKPGQSPKLLISWASTRHTGVPDRFTGSGSGTDFTLTISNVQSED
LADYFCQQYSPYPYTFGGGTKLEI
;
C
2 'polypeptide(L)'
;QLAQSGAELARPGASVKLSCKASGYTFTRYWMQWVKQRPGQGLEWIGAIYPGDGDSRYTQKFKGKATLTADKSSSTAYMQ
LSSLASEDSAVYYCARRNYYGYDAFAYWGQGTLVTVSA
;
D
3 'polypeptide(L)'
;QVQLQQPGAELVRPGASVKLSCKASGYTFTSYWMNWVKQRPEQGLEWIGRIDPYDSETHYNQKFKDKAILTVDKSSTTAY
MQLSSLTSEDSAVYYCARWGTVEWFFDYWGQGTTLTVSQ
;
E
4 'polypeptide(L)'
;CPFGEVFNATRFASVYAWNRKRISNCVADYSVLYNSASFSTFKCYGVSPTKLNDLCFTNVYADSFVIRGDEVRQIAPGQT
GTIADYNYKLPDDFTGCVIAWNSNNLDSKVGGNYNYRYRLFRKSNLKPFERDISTEIYQAGSKPCNGVKGFNCYFPLQSY
GFQPTYGVGYQPYRVVVLSFELL
;
F
5 'polypeptide(L)'
;DIVMTQSPSSLAMSVGQKVTMSCKSSQSLLNSYNQENYLAWYQQKPGQSPKLLVYFASTRESGVPDRFIGSGSGTDFTLT
ISSVQAEDLADYFCQQHYSTPFTFGSGTKLEIK
;
G
6 'polypeptide(L)'
;QVQLQQSGPELVKPGASVRISCKASGYTFTSYYIHWVKQRPGQGLEWIGWIYPGNVKSIYNEKFKGKATLTADKSSNTAY
MQLSSLTSEDSAVYFCAGEEHGNYFDFWGQGTTLTVSQ
;
H
7 'polypeptide(L)'
;QIVLSQSPTILSASPGEKVTMTCRANSSVGFMHWCQQKPGSSPKPWIYATSNLASGVPGRFSGSGSGTSYSLTISRVEAE
DAATYYCQQWSSDPPTFGSGTKLEIK
;
L
#
loop_
_chem_comp.id
_chem_comp.type
_chem_comp.name
_chem_comp.formula
NAG D-saccharide, beta linking 2-acetamido-2-deoxy-beta-D-glucopyranose 'C8 H15 N O6'
#
# COMPACT_ATOMS: atom_id res chain seq x y z
N VAL A 1 -24.79 9.57 -2.57
CA VAL A 1 -26.03 10.04 -1.97
C VAL A 1 -26.25 9.40 -0.60
N MET A 2 -26.17 10.22 0.43
CA MET A 2 -26.35 9.72 1.79
C MET A 2 -27.81 9.75 2.20
N THR A 3 -28.13 8.98 3.24
CA THR A 3 -29.50 8.91 3.73
C THR A 3 -29.48 8.70 5.24
N GLN A 4 -30.57 9.11 5.88
CA GLN A 4 -30.72 9.02 7.32
C GLN A 4 -31.91 8.12 7.65
N SER A 5 -32.05 7.82 8.94
CA SER A 5 -33.18 7.00 9.40
C SER A 5 -34.35 7.87 9.85
N HIS A 6 -34.13 8.72 10.85
CA HIS A 6 -35.17 9.56 11.41
C HIS A 6 -34.95 11.01 11.01
N LYS A 7 -35.99 11.66 10.49
CA LYS A 7 -35.91 13.08 10.21
C LYS A 7 -35.95 13.89 11.50
N PHE A 8 -36.79 13.49 12.44
CA PHE A 8 -36.84 14.07 13.77
C PHE A 8 -36.72 12.97 14.82
N LEU A 9 -36.29 13.35 16.01
CA LEU A 9 -35.92 12.36 17.02
C LEU A 9 -36.27 12.89 18.40
N SER A 10 -36.83 12.02 19.24
CA SER A 10 -37.31 12.38 20.57
C SER A 10 -36.65 11.46 21.59
N THR A 11 -35.71 12.01 22.37
CA THR A 11 -35.00 11.26 23.40
C THR A 11 -34.75 12.17 24.58
N SER A 12 -34.95 11.64 25.79
CA SER A 12 -34.87 12.42 27.01
C SER A 12 -33.41 12.67 27.40
N VAL A 13 -33.21 13.26 28.59
CA VAL A 13 -31.88 13.67 29.02
C VAL A 13 -31.06 12.47 29.47
N GLY A 14 -31.63 11.62 30.33
CA GLY A 14 -30.89 10.52 30.90
C GLY A 14 -30.69 9.32 29.97
N ASP A 15 -31.26 9.36 28.77
CA ASP A 15 -31.21 8.22 27.87
C ASP A 15 -30.12 8.42 26.81
N ARG A 16 -29.56 7.30 26.36
CA ARG A 16 -28.63 7.29 25.24
C ARG A 16 -29.41 7.37 23.92
N VAL A 17 -28.68 7.64 22.84
CA VAL A 17 -29.27 7.68 21.50
C VAL A 17 -28.18 7.41 20.48
N ASN A 18 -28.58 6.90 19.32
CA ASN A 18 -27.69 6.61 18.21
C ASN A 18 -28.25 7.25 16.95
N ILE A 19 -27.38 7.89 16.16
CA ILE A 19 -27.76 8.48 14.89
C ILE A 19 -27.00 7.74 13.78
N THR A 20 -27.73 7.32 12.76
CA THR A 20 -27.16 6.49 11.69
C THR A 20 -27.13 7.24 10.37
N CYS A 21 -26.17 6.88 9.52
CA CYS A 21 -26.09 7.34 8.14
C CYS A 21 -25.71 6.15 7.25
N LYS A 22 -26.58 5.80 6.33
CA LYS A 22 -26.27 4.78 5.33
C LYS A 22 -25.78 5.46 4.06
N ALA A 23 -24.75 4.87 3.45
CA ALA A 23 -24.12 5.45 2.27
C ALA A 23 -24.53 4.67 1.03
N SER A 24 -24.46 5.36 -0.12
CA SER A 24 -24.84 4.73 -1.38
C SER A 24 -23.80 3.74 -1.85
N GLN A 25 -22.54 4.18 -1.96
CA GLN A 25 -21.42 3.34 -2.35
C GLN A 25 -20.63 2.96 -1.10
N ASP A 26 -19.47 2.33 -1.32
CA ASP A 26 -18.54 2.03 -0.25
C ASP A 26 -17.47 3.11 -0.21
N VAL A 27 -17.46 3.89 0.86
CA VAL A 27 -16.49 4.96 1.07
C VAL A 27 -15.70 4.64 2.33
N ASP A 28 -14.38 4.55 2.21
CA ASP A 28 -13.53 3.95 3.23
C ASP A 28 -13.28 4.95 4.36
N THR A 29 -14.22 4.96 5.33
CA THR A 29 -14.13 5.72 6.59
C THR A 29 -13.84 7.19 6.37
N ALA A 30 -14.53 7.78 5.40
CA ALA A 30 -14.24 9.15 5.03
C ALA A 30 -15.46 10.04 5.18
N VAL A 31 -16.17 9.92 6.29
CA VAL A 31 -17.35 10.73 6.55
C VAL A 31 -17.11 11.58 7.80
N ALA A 32 -17.96 12.56 7.99
CA ALA A 32 -17.91 13.42 9.16
C ALA A 32 -19.28 13.47 9.81
N TRP A 33 -19.39 14.24 10.89
CA TRP A 33 -20.67 14.62 11.46
C TRP A 33 -20.57 16.08 11.83
N TYR A 34 -21.71 16.70 12.08
CA TYR A 34 -21.74 18.11 12.42
C TYR A 34 -22.80 18.36 13.47
N GLN A 35 -22.78 19.56 14.03
CA GLN A 35 -23.77 19.96 15.03
C GLN A 35 -24.16 21.40 14.74
N GLN A 36 -25.38 21.61 14.25
CA GLN A 36 -25.83 22.91 13.81
C GLN A 36 -26.87 23.45 14.79
N LYS A 37 -26.43 24.37 15.65
CA LYS A 37 -27.37 25.19 16.41
C LYS A 37 -28.20 26.04 15.44
N PRO A 38 -29.46 26.33 15.76
CA PRO A 38 -30.33 27.02 14.78
C PRO A 38 -29.93 28.46 14.48
N GLY A 39 -29.03 29.05 15.25
CA GLY A 39 -28.56 30.39 14.93
C GLY A 39 -27.28 30.41 14.10
N GLN A 40 -26.25 29.69 14.55
CA GLN A 40 -24.93 29.80 13.97
C GLN A 40 -24.63 28.61 13.06
N SER A 41 -23.40 28.55 12.57
CA SER A 41 -22.97 27.55 11.61
C SER A 41 -22.79 26.19 12.30
N PRO A 42 -22.90 25.10 11.55
CA PRO A 42 -22.55 23.79 12.12
C PRO A 42 -21.06 23.68 12.39
N LYS A 43 -20.72 23.22 13.57
CA LYS A 43 -19.33 23.04 13.96
C LYS A 43 -18.93 21.57 13.80
N LEU A 44 -17.66 21.35 13.50
CA LEU A 44 -17.16 20.01 13.29
C LEU A 44 -17.13 19.24 14.61
N LEU A 45 -17.71 18.05 14.61
CA LEU A 45 -17.89 17.28 15.83
C LEU A 45 -17.08 15.99 15.85
N ILE A 46 -17.27 15.12 14.85
CA ILE A 46 -16.54 13.87 14.74
C ILE A 46 -16.00 13.77 13.33
N SER A 47 -14.68 13.66 13.21
CA SER A 47 -14.02 13.62 11.92
C SER A 47 -13.36 12.27 11.71
N TRP A 48 -13.43 11.78 10.46
CA TRP A 48 -13.02 10.44 10.04
C TRP A 48 -13.77 9.33 10.77
N ALA A 49 -14.99 9.65 11.24
CA ALA A 49 -16.00 8.74 11.77
C ALA A 49 -15.62 8.02 13.07
N SER A 50 -14.38 8.16 13.54
CA SER A 50 -13.96 7.61 14.82
C SER A 50 -13.20 8.60 15.69
N THR A 51 -12.44 9.51 15.09
CA THR A 51 -11.66 10.45 15.87
C THR A 51 -12.52 11.63 16.30
N ARG A 52 -12.10 12.28 17.37
CA ARG A 52 -12.82 13.38 17.96
C ARG A 52 -12.04 14.68 17.79
N HIS A 53 -12.68 15.68 17.20
CA HIS A 53 -12.05 16.99 17.06
C HIS A 53 -11.97 17.67 18.42
N THR A 54 -11.09 18.67 18.51
CA THR A 54 -10.90 19.41 19.75
C THR A 54 -12.10 20.29 20.05
N GLY A 55 -12.26 20.64 21.31
CA GLY A 55 -13.41 21.41 21.75
C GLY A 55 -14.67 20.61 21.96
N VAL A 56 -14.63 19.31 21.74
CA VAL A 56 -15.78 18.42 21.88
C VAL A 56 -15.49 17.48 23.04
N PRO A 57 -16.41 17.32 24.00
CA PRO A 57 -16.16 16.43 25.13
C PRO A 57 -16.15 14.96 24.75
N ASP A 58 -15.84 14.08 25.71
CA ASP A 58 -15.76 12.64 25.47
C ASP A 58 -17.12 11.95 25.44
N ARG A 59 -18.20 12.72 25.26
CA ARG A 59 -19.54 12.16 25.13
C ARG A 59 -19.72 11.48 23.78
N PHE A 60 -19.30 12.15 22.70
CA PHE A 60 -19.59 11.74 21.33
C PHE A 60 -18.61 10.66 20.90
N THR A 61 -18.97 9.40 21.14
CA THR A 61 -18.13 8.27 20.74
C THR A 61 -18.59 7.77 19.37
N GLY A 62 -18.16 8.49 18.34
CA GLY A 62 -18.54 8.13 16.98
C GLY A 62 -17.80 6.89 16.50
N SER A 63 -18.52 6.04 15.78
CA SER A 63 -17.96 4.79 15.30
C SER A 63 -18.49 4.53 13.89
N GLY A 64 -18.31 3.31 13.42
CA GLY A 64 -18.82 2.93 12.11
C GLY A 64 -17.77 3.02 11.02
N SER A 65 -17.81 2.04 10.13
CA SER A 65 -16.83 1.96 9.05
C SER A 65 -17.42 1.18 7.89
N GLY A 66 -16.86 1.39 6.71
CA GLY A 66 -17.32 0.71 5.52
C GLY A 66 -18.44 1.43 4.82
N THR A 67 -19.68 0.99 5.05
CA THR A 67 -20.86 1.58 4.42
C THR A 67 -21.77 2.29 5.41
N ASP A 68 -22.03 1.70 6.57
CA ASP A 68 -22.90 2.30 7.57
C ASP A 68 -22.10 2.97 8.67
N PHE A 69 -22.64 4.05 9.22
CA PHE A 69 -21.94 4.86 10.21
C PHE A 69 -22.87 5.17 11.37
N THR A 70 -22.28 5.42 12.55
CA THR A 70 -23.05 5.59 13.77
C THR A 70 -22.37 6.61 14.67
N LEU A 71 -23.15 7.59 15.12
CA LEU A 71 -22.67 8.61 16.05
C LEU A 71 -23.47 8.45 17.35
N THR A 72 -22.78 8.23 18.45
CA THR A 72 -23.40 7.94 19.73
C THR A 72 -23.02 9.04 20.75
N ILE A 73 -23.93 10.00 20.93
CA ILE A 73 -23.86 10.86 22.10
C ILE A 73 -24.45 10.11 23.29
N SER A 74 -23.70 10.03 24.39
CA SER A 74 -24.06 9.10 25.46
C SER A 74 -25.11 9.69 26.40
N ASN A 75 -24.76 10.73 27.14
CA ASN A 75 -25.64 11.31 28.16
C ASN A 75 -25.94 12.74 27.75
N VAL A 76 -26.98 12.93 26.94
CA VAL A 76 -27.23 14.24 26.33
C VAL A 76 -27.74 15.21 27.38
N GLN A 77 -27.12 16.39 27.44
CA GLN A 77 -27.52 17.45 28.35
C GLN A 77 -28.49 18.38 27.64
N SER A 78 -28.73 19.57 28.19
CA SER A 78 -29.75 20.47 27.67
C SER A 78 -29.25 21.38 26.56
N GLU A 79 -27.95 21.42 26.29
CA GLU A 79 -27.42 22.28 25.22
C GLU A 79 -27.13 21.53 23.94
N ASP A 80 -27.26 20.21 23.93
CA ASP A 80 -27.05 19.43 22.72
C ASP A 80 -28.39 19.14 22.04
N LEU A 81 -29.02 20.23 21.58
CA LEU A 81 -30.27 20.17 20.83
C LEU A 81 -30.02 20.94 19.53
N ALA A 82 -29.73 20.21 18.46
CA ALA A 82 -29.23 20.84 17.24
C ALA A 82 -29.48 19.90 16.07
N ASP A 83 -28.85 20.19 14.93
CA ASP A 83 -28.98 19.38 13.72
C ASP A 83 -27.70 18.59 13.48
N TYR A 84 -27.85 17.32 13.09
CA TYR A 84 -26.74 16.41 12.88
C TYR A 84 -26.68 15.98 11.42
N PHE A 85 -25.49 16.04 10.82
CA PHE A 85 -25.31 15.82 9.39
C PHE A 85 -24.37 14.64 9.15
N CYS A 86 -24.10 14.40 7.87
CA CYS A 86 -23.09 13.45 7.42
C CYS A 86 -22.47 13.97 6.13
N GLN A 87 -21.37 13.34 5.70
CA GLN A 87 -20.67 13.75 4.50
C GLN A 87 -20.07 12.52 3.80
N GLN A 88 -19.20 12.80 2.83
CA GLN A 88 -18.25 11.86 2.25
C GLN A 88 -17.19 12.71 1.55
N TYR A 89 -15.93 12.25 1.59
CA TYR A 89 -14.85 13.08 1.07
C TYR A 89 -14.31 12.62 -0.28
N SER A 90 -14.32 11.34 -0.56
CA SER A 90 -13.60 10.87 -1.75
C SER A 90 -14.30 11.17 -3.09
N PRO A 91 -15.55 10.75 -3.38
CA PRO A 91 -16.04 10.95 -4.75
C PRO A 91 -16.68 12.31 -4.97
N TYR A 92 -16.21 13.02 -5.98
CA TYR A 92 -16.87 14.26 -6.37
C TYR A 92 -18.24 13.95 -6.99
N PRO A 93 -19.30 14.67 -6.61
CA PRO A 93 -19.33 15.80 -5.69
C PRO A 93 -19.52 15.40 -4.23
N TYR A 94 -19.18 16.32 -3.32
CA TYR A 94 -19.19 16.08 -1.88
C TYR A 94 -20.64 16.08 -1.40
N THR A 95 -21.33 14.96 -1.56
CA THR A 95 -22.74 14.92 -1.23
C THR A 95 -22.93 14.79 0.27
N PHE A 96 -23.92 15.51 0.78
CA PHE A 96 -24.20 15.55 2.21
C PHE A 96 -25.28 14.54 2.56
N GLY A 97 -25.80 14.66 3.79
CA GLY A 97 -26.89 13.83 4.24
C GLY A 97 -28.09 14.66 4.66
N GLY A 98 -29.12 13.95 5.09
CA GLY A 98 -30.32 14.61 5.58
C GLY A 98 -30.13 15.17 6.98
N GLY A 99 -30.88 16.23 7.26
CA GLY A 99 -30.78 16.89 8.56
C GLY A 99 -31.70 16.24 9.57
N THR A 100 -31.11 15.67 10.62
CA THR A 100 -31.87 15.13 11.74
C THR A 100 -31.72 16.05 12.94
N LYS A 101 -32.80 16.17 13.71
CA LYS A 101 -32.85 17.09 14.84
C LYS A 101 -33.17 16.31 16.11
N LEU A 102 -32.34 16.49 17.13
CA LEU A 102 -32.56 15.83 18.42
C LEU A 102 -33.42 16.73 19.30
N GLU A 103 -34.53 16.19 19.78
CA GLU A 103 -35.44 16.94 20.63
C GLU A 103 -35.87 16.09 21.81
N ILE A 104 -36.63 16.72 22.70
CA ILE A 104 -37.09 16.06 23.92
C ILE A 104 -38.51 15.53 23.73
N GLN B 1 -7.63 31.41 10.87
CA GLN B 1 -8.21 30.31 11.62
C GLN B 1 -9.73 30.41 11.66
N LEU B 2 -10.25 31.56 11.25
CA LEU B 2 -11.68 31.79 11.20
C LEU B 2 -12.03 32.55 9.92
N ALA B 3 -13.19 32.25 9.35
CA ALA B 3 -13.65 32.88 8.13
C ALA B 3 -14.63 34.01 8.44
N GLN B 4 -14.79 34.90 7.47
CA GLN B 4 -15.66 36.06 7.60
C GLN B 4 -16.46 36.25 6.33
N SER B 5 -17.78 36.35 6.46
CA SER B 5 -18.70 36.45 5.34
C SER B 5 -19.47 37.78 5.40
N GLY B 6 -20.43 37.94 4.51
CA GLY B 6 -21.21 39.16 4.44
C GLY B 6 -22.71 38.95 4.40
N ALA B 7 -23.45 39.94 3.90
CA ALA B 7 -24.90 39.84 3.77
C ALA B 7 -25.32 40.61 2.53
N GLU B 8 -26.40 40.15 1.90
CA GLU B 8 -26.83 40.67 0.61
C GLU B 8 -28.34 40.60 0.49
N LEU B 9 -28.86 41.34 -0.49
CA LEU B 9 -30.26 41.29 -0.89
C LEU B 9 -30.32 41.66 -2.36
N ALA B 10 -30.95 40.80 -3.17
CA ALA B 10 -30.90 40.96 -4.61
C ALA B 10 -32.30 40.87 -5.21
N ARG B 11 -32.39 41.28 -6.47
CA ARG B 11 -33.62 41.24 -7.27
C ARG B 11 -33.83 39.84 -7.84
N PRO B 12 -35.09 39.45 -8.12
CA PRO B 12 -35.32 38.14 -8.72
C PRO B 12 -34.90 38.02 -10.17
N GLY B 13 -34.52 39.12 -10.82
CA GLY B 13 -34.06 39.06 -12.20
C GLY B 13 -32.60 39.43 -12.37
N ALA B 14 -32.00 39.99 -11.33
CA ALA B 14 -30.62 40.47 -11.38
C ALA B 14 -29.66 39.35 -11.00
N SER B 15 -28.40 39.69 -10.74
CA SER B 15 -27.37 38.74 -10.40
C SER B 15 -26.71 39.14 -9.08
N VAL B 16 -26.23 38.14 -8.35
CA VAL B 16 -25.66 38.35 -7.02
C VAL B 16 -24.19 37.96 -7.04
N LYS B 17 -23.44 38.51 -6.09
CA LYS B 17 -22.01 38.22 -5.93
C LYS B 17 -21.71 38.12 -4.43
N LEU B 18 -21.34 36.91 -3.99
CA LEU B 18 -21.12 36.67 -2.57
C LEU B 18 -19.67 37.03 -2.21
N SER B 19 -19.28 36.73 -0.98
CA SER B 19 -17.95 37.08 -0.47
C SER B 19 -17.62 36.20 0.72
N CYS B 20 -16.32 35.96 0.92
CA CYS B 20 -15.82 35.26 2.09
C CYS B 20 -14.38 35.69 2.35
N LYS B 21 -14.09 36.12 3.57
CA LYS B 21 -12.78 36.57 3.97
C LYS B 21 -12.07 35.50 4.79
N ALA B 22 -10.80 35.27 4.48
CA ALA B 22 -9.99 34.28 5.17
C ALA B 22 -8.82 34.95 5.85
N SER B 23 -8.52 34.56 7.08
CA SER B 23 -7.44 35.14 7.86
C SER B 23 -6.90 34.12 8.85
N GLY B 24 -5.64 34.31 9.24
CA GLY B 24 -5.01 33.48 10.24
C GLY B 24 -4.12 32.37 9.71
N TYR B 25 -3.98 32.25 8.39
CA TYR B 25 -3.17 31.20 7.77
C TYR B 25 -2.81 31.66 6.36
N THR B 26 -2.17 30.80 5.59
CA THR B 26 -1.81 31.11 4.21
C THR B 26 -2.96 30.74 3.28
N PHE B 27 -3.48 31.74 2.58
CA PHE B 27 -4.73 31.56 1.85
C PHE B 27 -4.56 30.73 0.59
N THR B 28 -3.36 30.74 0.00
CA THR B 28 -3.14 30.19 -1.33
C THR B 28 -2.74 28.72 -1.32
N ARG B 29 -3.08 27.98 -0.27
CA ARG B 29 -2.69 26.56 -0.21
C ARG B 29 -3.80 25.61 0.20
N TYR B 30 -4.90 26.08 0.77
CA TYR B 30 -6.04 25.23 1.08
C TYR B 30 -7.20 25.54 0.13
N TRP B 31 -8.13 24.60 0.05
CA TRP B 31 -9.25 24.71 -0.89
C TRP B 31 -10.46 25.30 -0.17
N MET B 32 -10.80 26.55 -0.51
CA MET B 32 -12.01 27.15 0.01
C MET B 32 -13.22 26.56 -0.71
N GLN B 33 -14.23 26.16 0.05
CA GLN B 33 -15.39 25.46 -0.49
C GLN B 33 -16.66 26.26 -0.22
N TRP B 34 -17.74 25.87 -0.90
CA TRP B 34 -19.03 26.53 -0.75
C TRP B 34 -20.12 25.47 -0.66
N VAL B 35 -20.95 25.56 0.37
CA VAL B 35 -22.15 24.73 0.48
C VAL B 35 -23.35 25.65 0.65
N LYS B 36 -24.52 25.13 0.35
CA LYS B 36 -25.75 25.91 0.41
C LYS B 36 -26.72 25.28 1.40
N GLN B 37 -27.71 26.08 1.82
CA GLN B 37 -28.67 25.64 2.82
C GLN B 37 -29.99 26.37 2.62
N ARG B 38 -30.96 25.67 2.04
CA ARG B 38 -32.34 26.13 2.06
C ARG B 38 -32.94 25.76 3.42
N PRO B 39 -34.12 26.32 3.76
CA PRO B 39 -34.86 25.79 4.91
C PRO B 39 -35.28 24.35 4.68
N GLY B 40 -34.66 23.42 5.40
CA GLY B 40 -34.83 22.01 5.10
C GLY B 40 -33.89 21.57 3.99
N GLN B 41 -34.24 20.42 3.40
CA GLN B 41 -33.60 19.82 2.23
C GLN B 41 -32.13 19.44 2.43
N GLY B 42 -31.61 19.50 3.66
CA GLY B 42 -30.22 19.19 3.90
C GLY B 42 -29.29 20.24 3.30
N LEU B 43 -28.08 19.81 2.98
CA LEU B 43 -27.08 20.65 2.33
C LEU B 43 -26.65 20.01 1.03
N GLU B 44 -26.15 20.83 0.11
CA GLU B 44 -25.62 20.34 -1.15
C GLU B 44 -24.31 21.06 -1.46
N TRP B 45 -23.40 20.35 -2.11
CA TRP B 45 -22.11 20.91 -2.47
C TRP B 45 -22.24 21.76 -3.73
N ILE B 46 -21.55 22.89 -3.74
CA ILE B 46 -21.53 23.79 -4.89
C ILE B 46 -20.22 23.66 -5.66
N GLY B 47 -19.10 23.83 -4.99
CA GLY B 47 -17.82 23.74 -5.66
C GLY B 47 -16.69 24.01 -4.68
N ALA B 48 -15.48 24.10 -5.25
CA ALA B 48 -14.30 24.40 -4.46
C ALA B 48 -13.33 25.16 -5.33
N ILE B 49 -12.59 26.07 -4.71
CA ILE B 49 -11.62 26.91 -5.42
C ILE B 49 -10.26 26.73 -4.77
N TYR B 50 -9.21 26.76 -5.59
CA TYR B 50 -7.83 26.71 -5.12
C TYR B 50 -7.17 28.03 -5.48
N PRO B 51 -6.80 28.86 -4.50
CA PRO B 51 -6.36 30.23 -4.82
C PRO B 51 -4.95 30.33 -5.39
N GLY B 52 -4.25 29.23 -5.63
CA GLY B 52 -2.94 29.31 -6.26
C GLY B 52 -3.03 29.71 -7.72
N ASP B 53 -3.95 29.09 -8.46
CA ASP B 53 -4.19 29.46 -9.86
C ASP B 53 -5.65 29.54 -10.24
N GLY B 54 -6.57 29.11 -9.38
CA GLY B 54 -7.98 29.09 -9.74
C GLY B 54 -8.46 27.80 -10.36
N ASP B 55 -7.88 26.67 -9.95
CA ASP B 55 -8.28 25.38 -10.50
C ASP B 55 -9.63 25.01 -9.86
N SER B 56 -10.72 25.43 -10.48
CA SER B 56 -12.03 25.24 -9.90
C SER B 56 -12.57 23.85 -10.20
N ARG B 57 -13.40 23.35 -9.28
CA ARG B 57 -14.20 22.15 -9.49
C ARG B 57 -15.66 22.53 -9.25
N TYR B 58 -16.58 21.73 -9.79
CA TYR B 58 -17.98 22.08 -9.70
C TYR B 58 -18.84 20.82 -9.66
N THR B 59 -20.14 21.04 -9.48
CA THR B 59 -21.17 20.04 -9.65
C THR B 59 -21.99 20.40 -10.87
N GLN B 60 -22.48 19.38 -11.59
CA GLN B 60 -23.22 19.60 -12.82
C GLN B 60 -24.55 20.31 -12.59
N LYS B 61 -25.12 20.19 -11.39
CA LYS B 61 -26.35 20.91 -11.07
C LYS B 61 -26.13 22.42 -11.02
N PHE B 62 -24.96 22.85 -10.54
CA PHE B 62 -24.66 24.26 -10.44
C PHE B 62 -23.68 24.73 -11.51
N LYS B 63 -23.36 23.89 -12.49
CA LYS B 63 -22.45 24.29 -13.55
C LYS B 63 -23.17 25.23 -14.50
N GLY B 64 -22.62 26.44 -14.66
CA GLY B 64 -23.26 27.49 -15.41
C GLY B 64 -23.86 28.59 -14.56
N LYS B 65 -24.03 28.35 -13.27
CA LYS B 65 -24.53 29.35 -12.32
C LYS B 65 -23.46 29.84 -11.37
N ALA B 66 -22.62 28.94 -10.85
CA ALA B 66 -21.62 29.27 -9.85
C ALA B 66 -20.30 29.59 -10.54
N THR B 67 -19.76 30.78 -10.26
CA THR B 67 -18.47 31.22 -10.78
C THR B 67 -17.57 31.51 -9.58
N LEU B 68 -16.58 30.63 -9.36
CA LEU B 68 -15.75 30.66 -8.16
C LEU B 68 -14.44 31.37 -8.48
N THR B 69 -14.35 32.66 -8.16
CA THR B 69 -13.13 33.42 -8.31
C THR B 69 -12.53 33.72 -6.94
N ALA B 70 -11.26 34.09 -6.93
CA ALA B 70 -10.56 34.36 -5.69
C ALA B 70 -9.43 35.36 -5.95
N ASP B 71 -8.76 35.76 -4.88
CA ASP B 71 -7.63 36.67 -4.97
C ASP B 71 -6.62 36.32 -3.88
N LYS B 72 -5.37 36.13 -4.29
CA LYS B 72 -4.34 35.71 -3.33
C LYS B 72 -3.88 36.88 -2.48
N SER B 73 -3.95 38.10 -3.00
CA SER B 73 -3.39 39.24 -2.29
C SER B 73 -4.30 39.70 -1.16
N SER B 74 -5.59 39.87 -1.44
CA SER B 74 -6.51 40.34 -0.41
C SER B 74 -6.95 39.24 0.55
N SER B 75 -6.61 37.98 0.24
CA SER B 75 -6.95 36.80 1.05
C SER B 75 -8.47 36.67 1.25
N THR B 76 -9.22 37.02 0.22
CA THR B 76 -10.67 36.93 0.24
C THR B 76 -11.13 36.04 -0.90
N ALA B 77 -12.27 35.37 -0.68
CA ALA B 77 -12.85 34.48 -1.67
C ALA B 77 -14.23 35.00 -2.07
N TYR B 78 -14.58 34.77 -3.34
CA TYR B 78 -15.84 35.24 -3.89
C TYR B 78 -16.54 34.10 -4.61
N MET B 79 -17.85 34.28 -4.82
CA MET B 79 -18.59 33.48 -5.79
C MET B 79 -19.71 34.35 -6.33
N GLN B 80 -20.11 34.06 -7.56
CA GLN B 80 -21.08 34.89 -8.28
C GLN B 80 -22.12 33.99 -8.91
N LEU B 81 -23.39 34.27 -8.63
CA LEU B 81 -24.51 33.59 -9.26
C LEU B 81 -25.18 34.51 -10.27
N SER B 82 -25.78 33.90 -11.29
CA SER B 82 -26.43 34.64 -12.36
C SER B 82 -27.69 33.92 -12.79
N SER B 83 -28.65 34.69 -13.33
CA SER B 83 -29.97 34.24 -13.77
C SER B 83 -30.71 33.54 -12.64
N LEU B 84 -31.00 34.34 -11.61
CA LEU B 84 -31.53 33.82 -10.35
C LEU B 84 -32.95 33.32 -10.51
N ALA B 85 -33.27 32.25 -9.78
CA ALA B 85 -34.58 31.63 -9.81
C ALA B 85 -35.12 31.58 -8.38
N SER B 86 -36.32 31.01 -8.23
CA SER B 86 -36.99 31.02 -6.94
C SER B 86 -36.38 30.03 -5.95
N GLU B 87 -35.60 29.05 -6.42
CA GLU B 87 -35.04 28.06 -5.53
C GLU B 87 -33.79 28.57 -4.82
N ASP B 88 -33.17 29.64 -5.32
CA ASP B 88 -31.92 30.13 -4.78
C ASP B 88 -32.08 31.00 -3.53
N SER B 89 -33.31 31.18 -3.03
CA SER B 89 -33.50 31.92 -1.80
C SER B 89 -33.05 31.08 -0.61
N ALA B 90 -31.80 31.26 -0.20
CA ALA B 90 -31.20 30.38 0.80
C ALA B 90 -30.07 31.12 1.49
N VAL B 91 -29.45 30.46 2.46
CA VAL B 91 -28.30 30.98 3.19
C VAL B 91 -27.08 30.14 2.85
N TYR B 92 -25.99 30.81 2.46
CA TYR B 92 -24.80 30.16 1.95
C TYR B 92 -23.68 30.18 2.97
N TYR B 93 -22.73 29.27 2.79
CA TYR B 93 -21.60 29.10 3.70
C TYR B 93 -20.31 29.03 2.89
N CYS B 94 -19.21 29.35 3.56
CA CYS B 94 -17.87 29.07 3.04
C CYS B 94 -17.08 28.32 4.10
N ALA B 95 -16.32 27.31 3.66
CA ALA B 95 -15.69 26.41 4.61
C ALA B 95 -14.32 25.98 4.11
N ARG B 96 -13.49 25.51 5.03
CA ARG B 96 -12.14 25.05 4.76
C ARG B 96 -11.93 23.68 5.40
N ARG B 97 -11.15 22.83 4.73
CA ARG B 97 -10.76 21.57 5.33
C ARG B 97 -9.71 21.79 6.41
N ASN B 98 -9.45 20.74 7.17
CA ASN B 98 -8.53 20.84 8.31
C ASN B 98 -7.08 20.86 7.85
N TYR B 99 -6.64 19.78 7.20
CA TYR B 99 -5.30 19.69 6.64
C TYR B 99 -5.40 19.87 5.12
N TYR B 100 -4.27 19.68 4.44
CA TYR B 100 -4.26 19.74 2.99
C TYR B 100 -5.02 18.56 2.41
N GLY B 101 -5.70 18.80 1.29
CA GLY B 101 -6.12 17.67 0.48
C GLY B 101 -7.43 17.01 0.86
N TYR B 102 -7.32 15.98 1.68
CA TYR B 102 -8.37 14.99 1.87
C TYR B 102 -8.63 14.82 3.37
N ASP B 103 -9.60 15.56 3.89
CA ASP B 103 -9.95 15.53 5.31
C ASP B 103 -11.39 16.03 5.47
N ALA B 104 -11.80 16.30 6.71
CA ALA B 104 -13.10 16.85 7.04
C ALA B 104 -13.09 18.38 6.93
N PHE B 105 -14.28 18.96 6.99
CA PHE B 105 -14.42 20.41 7.02
C PHE B 105 -14.40 20.86 8.48
N ALA B 106 -13.52 21.81 8.80
CA ALA B 106 -13.42 22.28 10.18
C ALA B 106 -13.77 23.76 10.32
N TYR B 107 -13.14 24.63 9.56
CA TYR B 107 -13.29 26.07 9.74
C TYR B 107 -14.40 26.59 8.85
N TRP B 108 -15.54 26.92 9.46
CA TRP B 108 -16.71 27.41 8.75
C TRP B 108 -16.75 28.93 8.79
N GLY B 109 -17.87 29.49 8.32
CA GLY B 109 -18.13 30.91 8.45
C GLY B 109 -19.58 31.15 8.78
N GLN B 110 -19.90 32.43 9.04
CA GLN B 110 -21.26 32.77 9.40
C GLN B 110 -22.17 32.75 8.18
N GLY B 111 -23.47 32.89 8.42
CA GLY B 111 -24.44 32.76 7.36
C GLY B 111 -24.61 34.02 6.54
N THR B 112 -24.91 33.82 5.26
CA THR B 112 -25.19 34.91 4.32
C THR B 112 -26.65 34.79 3.89
N LEU B 113 -27.52 35.57 4.52
CA LEU B 113 -28.94 35.54 4.17
C LEU B 113 -29.17 36.23 2.84
N VAL B 114 -29.74 35.50 1.89
CA VAL B 114 -30.05 36.03 0.56
C VAL B 114 -31.46 35.60 0.21
N THR B 115 -32.35 36.56 -0.02
CA THR B 115 -33.72 36.31 -0.42
C THR B 115 -33.95 36.89 -1.80
N VAL B 116 -34.53 36.09 -2.69
CA VAL B 116 -34.60 36.44 -4.11
C VAL B 116 -36.04 36.24 -4.60
N SER B 117 -37.00 36.25 -3.67
CA SER B 117 -38.38 35.89 -4.00
C SER B 117 -39.06 36.96 -4.84
N ALA B 118 -39.16 38.18 -4.32
CA ALA B 118 -39.85 39.25 -5.04
C ALA B 118 -39.00 40.52 -5.12
N GLN C 1 24.01 -0.64 -20.20
CA GLN C 1 25.13 0.29 -20.12
C GLN C 1 25.05 1.07 -18.81
N VAL C 2 25.63 0.50 -17.75
CA VAL C 2 25.72 1.14 -16.45
C VAL C 2 27.21 1.30 -16.15
N GLN C 3 27.74 2.50 -16.32
CA GLN C 3 29.16 2.75 -16.26
C GLN C 3 29.52 3.45 -14.96
N LEU C 4 30.66 3.07 -14.37
CA LEU C 4 31.21 3.71 -13.18
C LEU C 4 32.72 3.82 -13.39
N GLN C 5 33.17 4.95 -13.92
CA GLN C 5 34.58 5.16 -14.17
C GLN C 5 35.29 5.68 -12.92
N GLN C 6 36.61 5.48 -12.89
CA GLN C 6 37.43 5.81 -11.74
C GLN C 6 38.82 6.18 -12.21
N PRO C 7 39.58 6.95 -11.44
CA PRO C 7 40.99 7.13 -11.73
C PRO C 7 41.79 5.87 -11.46
N GLY C 8 43.00 5.83 -12.01
CA GLY C 8 43.83 4.66 -11.91
C GLY C 8 44.46 4.44 -10.54
N ALA C 9 45.31 5.37 -10.12
CA ALA C 9 46.01 5.24 -8.85
C ALA C 9 46.30 6.62 -8.29
N GLU C 10 46.63 6.65 -7.00
CA GLU C 10 47.00 7.88 -6.31
C GLU C 10 48.17 7.62 -5.40
N LEU C 11 49.09 8.59 -5.32
CA LEU C 11 50.22 8.53 -4.40
C LEU C 11 50.26 9.81 -3.58
N VAL C 12 50.32 9.66 -2.25
CA VAL C 12 50.30 10.78 -1.33
C VAL C 12 51.30 10.55 -0.21
N ARG C 13 51.78 11.65 0.37
CA ARG C 13 52.65 11.61 1.53
C ARG C 13 51.81 11.43 2.80
N PRO C 14 52.35 10.77 3.82
CA PRO C 14 51.65 10.69 5.11
C PRO C 14 51.58 12.05 5.77
N GLY C 15 50.36 12.47 6.11
CA GLY C 15 50.11 13.79 6.63
C GLY C 15 49.40 14.72 5.67
N ALA C 16 48.68 14.17 4.68
CA ALA C 16 48.02 14.98 3.67
C ALA C 16 46.54 14.60 3.57
N SER C 17 45.87 15.06 2.51
CA SER C 17 44.50 14.65 2.22
C SER C 17 44.38 14.36 0.74
N VAL C 18 43.40 13.52 0.39
CA VAL C 18 43.13 13.15 -0.99
C VAL C 18 41.77 13.70 -1.38
N LYS C 19 41.49 13.65 -2.68
CA LYS C 19 40.16 13.91 -3.22
C LYS C 19 39.85 12.75 -4.16
N LEU C 20 39.32 11.67 -3.60
CA LEU C 20 39.01 10.49 -4.39
C LEU C 20 37.69 10.69 -5.11
N SER C 21 37.59 10.17 -6.33
CA SER C 21 36.44 10.45 -7.18
C SER C 21 36.01 9.21 -7.93
N CYS C 22 34.78 9.26 -8.43
CA CYS C 22 34.27 8.28 -9.40
C CYS C 22 33.14 8.93 -10.18
N LYS C 23 33.05 8.58 -11.45
CA LYS C 23 32.10 9.19 -12.38
C LYS C 23 31.03 8.18 -12.75
N ALA C 24 29.77 8.60 -12.67
CA ALA C 24 28.64 7.75 -13.01
C ALA C 24 28.06 8.16 -14.35
N SER C 25 27.82 7.19 -15.21
CA SER C 25 27.21 7.43 -16.51
C SER C 25 26.38 6.22 -16.90
N GLY C 26 25.29 6.46 -17.62
CA GLY C 26 24.43 5.39 -18.06
C GLY C 26 23.00 5.52 -17.58
N TYR C 27 22.82 5.99 -16.36
CA TYR C 27 21.51 6.21 -15.79
C TYR C 27 21.33 7.69 -15.46
N THR C 28 20.11 8.05 -15.09
CA THR C 28 19.88 9.38 -14.55
C THR C 28 20.46 9.46 -13.14
N PHE C 29 21.22 10.53 -12.88
CA PHE C 29 22.12 10.53 -11.73
C PHE C 29 21.42 10.68 -10.40
N THR C 30 20.27 11.35 -10.36
CA THR C 30 19.65 11.76 -9.10
C THR C 30 18.59 10.78 -8.60
N SER C 31 18.72 9.51 -8.93
CA SER C 31 17.76 8.53 -8.44
C SER C 31 18.37 7.59 -7.42
N TYR C 32 19.49 6.95 -7.77
CA TYR C 32 20.12 5.94 -6.92
C TYR C 32 21.11 6.57 -5.95
N TRP C 33 21.28 5.93 -4.79
CA TRP C 33 22.30 6.34 -3.85
C TRP C 33 23.69 5.95 -4.35
N MET C 34 24.69 6.23 -3.53
CA MET C 34 26.06 5.82 -3.80
C MET C 34 26.66 5.27 -2.51
N ASN C 35 27.64 4.40 -2.64
CA ASN C 35 28.31 3.81 -1.48
C ASN C 35 29.78 3.60 -1.79
N TRP C 36 30.61 3.70 -0.76
CA TRP C 36 32.04 3.47 -0.90
C TRP C 36 32.47 2.34 0.03
N VAL C 37 33.27 1.43 -0.50
CA VAL C 37 33.67 0.22 0.21
C VAL C 37 35.19 0.13 0.18
N LYS C 38 35.79 -0.03 1.36
CA LYS C 38 37.24 -0.10 1.51
C LYS C 38 37.71 -1.54 1.39
N GLN C 39 38.61 -1.80 0.44
CA GLN C 39 39.24 -3.11 0.30
C GLN C 39 40.70 -2.98 0.73
N ARG C 40 40.96 -3.29 1.99
CA ARG C 40 42.32 -3.55 2.40
C ARG C 40 42.58 -5.05 2.32
N PRO C 41 43.77 -5.48 1.88
CA PRO C 41 44.09 -6.92 1.91
C PRO C 41 44.10 -7.49 3.31
N GLU C 42 43.82 -8.79 3.40
CA GLU C 42 43.78 -9.64 4.61
C GLU C 42 42.87 -9.10 5.73
N GLN C 43 41.97 -8.16 5.46
CA GLN C 43 40.88 -7.84 6.37
C GLN C 43 39.52 -7.78 5.70
N GLY C 44 39.40 -8.19 4.44
CA GLY C 44 38.10 -8.16 3.79
C GLY C 44 37.70 -6.74 3.40
N LEU C 45 36.40 -6.51 3.37
CA LEU C 45 35.85 -5.23 2.98
C LEU C 45 35.18 -4.56 4.17
N GLU C 46 35.06 -3.23 4.09
CA GLU C 46 34.41 -2.45 5.13
C GLU C 46 33.60 -1.33 4.51
N TRP C 47 32.38 -1.16 4.97
CA TRP C 47 31.53 -0.07 4.51
C TRP C 47 32.03 1.25 5.09
N ILE C 48 31.82 2.33 4.33
CA ILE C 48 32.30 3.64 4.74
C ILE C 48 31.15 4.60 4.99
N GLY C 49 30.38 4.88 3.96
CA GLY C 49 29.27 5.80 4.09
C GLY C 49 28.33 5.72 2.91
N ARG C 50 27.54 6.77 2.73
CA ARG C 50 26.62 6.85 1.61
C ARG C 50 26.22 8.30 1.38
N ILE C 51 25.87 8.63 0.14
CA ILE C 51 25.34 9.94 -0.23
C ILE C 51 24.11 9.76 -1.08
N ASP C 52 23.20 10.69 -0.98
CA ASP C 52 22.06 10.72 -1.88
C ASP C 52 22.13 11.95 -2.75
N PRO C 53 22.13 11.78 -4.08
CA PRO C 53 22.40 12.92 -4.96
C PRO C 53 21.27 13.92 -5.09
N TYR C 54 20.06 13.59 -4.64
CA TYR C 54 18.99 14.58 -4.67
C TYR C 54 19.09 15.50 -3.46
N ASP C 55 18.95 14.92 -2.26
CA ASP C 55 19.15 15.62 -1.01
C ASP C 55 20.30 14.94 -0.29
N SER C 56 21.39 15.69 -0.06
CA SER C 56 22.65 15.10 0.40
C SER C 56 22.57 14.75 1.88
N GLU C 57 21.82 13.69 2.18
CA GLU C 57 21.76 13.12 3.51
C GLU C 57 22.84 12.05 3.61
N THR C 58 23.88 12.33 4.40
CA THR C 58 25.08 11.51 4.43
C THR C 58 25.18 10.77 5.75
N HIS C 59 25.18 9.45 5.70
CA HIS C 59 25.51 8.63 6.85
C HIS C 59 26.97 8.22 6.79
N TYR C 60 27.45 7.63 7.89
CA TYR C 60 28.84 7.20 7.96
C TYR C 60 28.95 5.98 8.86
N ASN C 61 30.08 5.32 8.78
CA ASN C 61 30.40 4.25 9.72
C ASN C 61 30.90 4.86 11.03
N GLN C 62 30.89 4.04 12.09
CA GLN C 62 31.34 4.52 13.38
C GLN C 62 32.85 4.69 13.42
N LYS C 63 33.59 3.75 12.84
CA LYS C 63 35.04 3.81 12.86
C LYS C 63 35.62 4.87 11.92
N PHE C 64 34.82 5.41 10.99
CA PHE C 64 35.35 6.26 9.93
C PHE C 64 34.87 7.70 10.03
N LYS C 65 34.35 8.11 11.19
CA LYS C 65 34.02 9.52 11.37
C LYS C 65 35.29 10.36 11.44
N ASP C 66 35.14 11.64 11.08
CA ASP C 66 36.15 12.72 11.06
C ASP C 66 37.48 12.32 10.37
N LYS C 67 37.41 11.37 9.45
CA LYS C 67 38.51 11.03 8.56
C LYS C 67 38.07 10.98 7.11
N ALA C 68 36.83 10.52 6.85
CA ALA C 68 36.28 10.43 5.51
C ALA C 68 35.06 11.33 5.43
N ILE C 69 35.10 12.30 4.53
CA ILE C 69 33.98 13.21 4.29
C ILE C 69 33.48 12.97 2.88
N LEU C 70 32.17 12.73 2.75
CA LEU C 70 31.56 12.37 1.48
C LEU C 70 30.86 13.57 0.87
N THR C 71 30.94 13.69 -0.46
CA THR C 71 30.42 14.85 -1.17
C THR C 71 29.93 14.41 -2.54
N VAL C 72 28.74 14.89 -2.91
CA VAL C 72 28.12 14.58 -4.19
C VAL C 72 28.22 15.83 -5.06
N ASP C 73 28.10 15.63 -6.37
CA ASP C 73 28.20 16.73 -7.33
C ASP C 73 27.24 16.39 -8.47
N LYS C 74 26.10 17.08 -8.53
CA LYS C 74 25.16 16.87 -9.62
C LYS C 74 25.66 17.45 -10.93
N SER C 75 26.56 18.43 -10.89
CA SER C 75 27.20 18.90 -12.10
C SER C 75 28.22 17.88 -12.57
N SER C 76 28.21 17.60 -13.88
CA SER C 76 29.09 16.65 -14.57
C SER C 76 28.95 15.21 -14.06
N THR C 77 27.83 14.90 -13.39
CA THR C 77 27.41 13.58 -12.87
C THR C 77 28.55 12.73 -12.29
N THR C 78 29.23 13.30 -11.30
CA THR C 78 30.32 12.62 -10.63
C THR C 78 30.07 12.57 -9.13
N ALA C 79 30.61 11.53 -8.49
CA ALA C 79 30.65 11.44 -7.05
C ALA C 79 32.05 11.76 -6.54
N TYR C 80 32.15 12.01 -5.24
CA TYR C 80 33.44 12.40 -4.67
C TYR C 80 33.55 11.83 -3.27
N MET C 81 34.80 11.76 -2.79
CA MET C 81 35.08 11.31 -1.43
C MET C 81 36.41 11.92 -1.00
N GLN C 82 36.40 12.63 0.11
CA GLN C 82 37.60 13.33 0.59
C GLN C 82 38.07 12.66 1.87
N LEU C 83 39.12 11.85 1.76
CA LEU C 83 39.80 11.32 2.93
C LEU C 83 40.86 12.32 3.39
N SER C 84 41.03 12.41 4.71
CA SER C 84 41.96 13.39 5.27
C SER C 84 42.78 12.76 6.36
N SER C 85 44.02 13.27 6.50
CA SER C 85 44.99 12.85 7.51
C SER C 85 45.30 11.35 7.43
N LEU C 86 45.87 10.96 6.30
CA LEU C 86 46.15 9.55 6.05
C LEU C 86 47.31 9.06 6.90
N THR C 87 47.22 7.79 7.30
CA THR C 87 48.20 7.12 8.14
C THR C 87 48.82 5.98 7.35
N SER C 88 49.59 5.14 8.04
CA SER C 88 50.25 4.01 7.40
C SER C 88 49.22 2.97 6.93
N GLU C 89 48.14 2.79 7.69
CA GLU C 89 47.14 1.78 7.35
C GLU C 89 46.05 2.34 6.43
N ASP C 90 46.46 2.97 5.34
CA ASP C 90 45.54 3.47 4.32
C ASP C 90 45.86 2.96 2.94
N SER C 91 46.88 2.13 2.77
CA SER C 91 47.17 1.52 1.48
C SER C 91 46.11 0.47 1.21
N ALA C 92 45.10 0.84 0.43
CA ALA C 92 43.96 -0.03 0.19
C ALA C 92 43.31 0.38 -1.13
N VAL C 93 42.19 -0.25 -1.46
CA VAL C 93 41.42 0.07 -2.65
C VAL C 93 40.02 0.47 -2.21
N TYR C 94 39.55 1.60 -2.71
CA TYR C 94 38.26 2.16 -2.32
C TYR C 94 37.36 2.24 -3.54
N TYR C 95 36.43 1.30 -3.66
CA TYR C 95 35.49 1.35 -4.77
C TYR C 95 34.38 2.39 -4.69
N CYS C 96 33.78 2.67 -5.82
CA CYS C 96 32.40 3.22 -5.88
C CYS C 96 31.26 2.34 -6.32
N ALA C 97 30.16 2.34 -5.57
CA ALA C 97 29.06 1.41 -5.82
C ALA C 97 27.72 2.11 -5.65
N ARG C 98 26.80 1.86 -6.59
CA ARG C 98 25.49 2.50 -6.54
C ARG C 98 24.41 1.45 -6.34
N TRP C 99 23.55 1.74 -5.37
CA TRP C 99 22.17 1.25 -5.16
C TRP C 99 21.74 1.97 -3.90
N GLY C 100 20.45 1.90 -3.59
CA GLY C 100 20.00 2.59 -2.40
C GLY C 100 18.61 3.16 -2.45
N THR C 101 17.97 3.14 -3.61
CA THR C 101 16.56 3.49 -3.70
C THR C 101 15.70 2.56 -2.87
N VAL C 102 15.71 1.29 -3.23
CA VAL C 102 14.81 0.33 -2.63
C VAL C 102 15.52 -0.65 -1.71
N GLU C 103 16.82 -0.89 -1.90
CA GLU C 103 17.51 -1.92 -1.14
C GLU C 103 18.93 -1.44 -0.86
N TRP C 104 19.77 -2.33 -0.34
CA TRP C 104 21.12 -1.96 0.03
C TRP C 104 22.13 -3.03 -0.40
N PHE C 105 21.87 -3.69 -1.52
CA PHE C 105 22.85 -4.56 -2.14
C PHE C 105 23.32 -3.90 -3.43
N PHE C 106 24.63 -3.95 -3.68
CA PHE C 106 25.25 -3.14 -4.71
C PHE C 106 25.48 -3.99 -5.95
N ASP C 107 24.91 -3.58 -7.08
CA ASP C 107 25.09 -4.38 -8.28
C ASP C 107 26.26 -3.91 -9.13
N TYR C 108 26.30 -2.63 -9.48
CA TYR C 108 27.32 -2.09 -10.37
C TYR C 108 28.38 -1.37 -9.55
N TRP C 109 29.64 -1.66 -9.86
CA TRP C 109 30.79 -1.15 -9.10
C TRP C 109 31.74 -0.42 -10.02
N GLY C 110 32.74 0.21 -9.42
CA GLY C 110 33.86 0.73 -10.16
C GLY C 110 35.05 -0.22 -10.08
N GLN C 111 35.99 -0.03 -11.00
CA GLN C 111 37.08 -1.00 -11.16
C GLN C 111 38.07 -0.99 -10.01
N GLY C 112 38.25 0.12 -9.33
CA GLY C 112 39.16 0.12 -8.20
C GLY C 112 40.20 1.22 -8.20
N THR C 113 40.27 1.94 -7.09
CA THR C 113 41.38 2.86 -6.81
C THR C 113 42.45 2.52 -5.80
N THR C 114 43.69 2.38 -6.27
CA THR C 114 44.78 1.92 -5.43
C THR C 114 45.36 3.14 -4.73
N LEU C 115 45.57 3.02 -3.43
CA LEU C 115 46.09 4.10 -2.61
C LEU C 115 47.43 3.70 -2.04
N THR C 116 48.37 4.65 -2.02
CA THR C 116 49.72 4.42 -1.51
C THR C 116 50.13 5.53 -0.57
N VAL C 117 50.68 5.16 0.57
CA VAL C 117 51.18 6.10 1.57
C VAL C 117 52.61 5.71 1.96
N SER C 118 53.58 6.41 1.39
CA SER C 118 54.99 6.18 1.67
C SER C 118 55.76 7.44 1.32
N GLN C 119 57.09 7.32 1.25
CA GLN C 119 57.94 8.43 0.81
C GLN C 119 58.63 8.10 -0.51
N CYS D 1 -1.46 3.86 21.91
CA CYS D 1 -0.42 3.44 20.98
C CYS D 1 -1.02 2.95 19.66
N PRO D 2 -1.37 3.88 18.78
CA PRO D 2 -2.12 3.53 17.56
C PRO D 2 -1.29 3.29 16.30
N PHE D 3 0.04 3.25 16.38
CA PHE D 3 0.87 2.90 15.24
C PHE D 3 1.01 1.38 15.08
N GLY D 4 -0.12 0.69 15.05
CA GLY D 4 -0.13 -0.75 14.89
C GLY D 4 -1.31 -1.16 14.03
N GLU D 5 -1.97 -0.16 13.45
CA GLU D 5 -3.08 -0.40 12.53
C GLU D 5 -2.89 0.36 11.23
N VAL D 6 -1.68 0.85 10.94
CA VAL D 6 -1.34 1.41 9.64
C VAL D 6 -0.15 0.71 9.00
N PHE D 7 0.85 0.33 9.79
CA PHE D 7 2.04 -0.26 9.22
C PHE D 7 1.74 -1.67 8.85
N ASN D 8 1.40 -2.49 9.83
CA ASN D 8 0.91 -3.82 9.46
C ASN D 8 -0.60 -3.89 9.39
N ALA D 9 -1.14 -3.12 8.45
CA ALA D 9 -2.44 -3.41 7.89
C ALA D 9 -2.32 -4.58 6.94
N THR D 10 -3.47 -5.04 6.52
CA THR D 10 -3.61 -6.19 5.64
C THR D 10 -3.52 -5.79 4.17
N ARG D 11 -4.42 -4.92 3.71
CA ARG D 11 -4.47 -4.55 2.30
C ARG D 11 -4.33 -3.05 2.18
N PHE D 12 -3.17 -2.60 1.70
CA PHE D 12 -2.96 -1.20 1.44
C PHE D 12 -3.76 -0.79 0.21
N ALA D 13 -4.16 0.47 0.17
CA ALA D 13 -4.97 0.96 -0.91
C ALA D 13 -4.13 1.19 -2.17
N SER D 14 -4.80 1.46 -3.28
CA SER D 14 -4.11 1.74 -4.52
C SER D 14 -3.50 3.13 -4.48
N VAL D 15 -2.76 3.47 -5.54
CA VAL D 15 -2.02 4.71 -5.54
C VAL D 15 -2.95 5.89 -5.76
N TYR D 16 -3.91 5.74 -6.67
CA TYR D 16 -4.79 6.87 -6.99
C TYR D 16 -5.85 7.09 -5.92
N ALA D 17 -6.34 6.03 -5.29
CA ALA D 17 -7.22 6.15 -4.14
C ALA D 17 -6.46 5.91 -2.84
N TRP D 18 -5.48 6.76 -2.53
CA TRP D 18 -4.56 6.45 -1.45
C TRP D 18 -5.22 6.64 -0.09
N ASN D 19 -4.97 5.68 0.80
CA ASN D 19 -5.62 5.60 2.10
C ASN D 19 -5.20 6.76 3.01
N ARG D 20 -5.86 6.85 4.16
CA ARG D 20 -5.50 7.84 5.16
C ARG D 20 -5.96 7.36 6.52
N LYS D 21 -5.46 8.03 7.56
CA LYS D 21 -5.77 7.78 8.95
C LYS D 21 -5.28 8.98 9.75
N ARG D 22 -6.09 9.46 10.69
CA ARG D 22 -5.74 10.61 11.50
C ARG D 22 -5.52 10.15 12.93
N ILE D 23 -4.29 10.31 13.41
CA ILE D 23 -3.93 9.92 14.76
C ILE D 23 -4.02 11.15 15.67
N SER D 24 -4.82 11.04 16.73
CA SER D 24 -4.93 12.13 17.69
C SER D 24 -5.36 11.57 19.05
N ASN D 25 -5.24 12.44 20.06
CA ASN D 25 -5.70 12.20 21.43
C ASN D 25 -5.01 11.00 22.09
N CYS D 26 -3.77 10.76 21.70
CA CYS D 26 -2.91 9.78 22.37
C CYS D 26 -1.48 10.12 22.02
N VAL D 27 -0.57 9.82 22.94
CA VAL D 27 0.85 10.06 22.69
C VAL D 27 1.45 8.81 22.06
N ALA D 28 2.45 9.01 21.21
CA ALA D 28 3.06 7.92 20.47
C ALA D 28 4.41 7.54 21.07
N ASP D 29 4.77 6.27 20.92
CA ASP D 29 6.01 5.76 21.48
C ASP D 29 7.21 6.04 20.59
N TYR D 30 7.01 5.96 19.26
CA TYR D 30 8.07 6.05 18.24
C TYR D 30 9.20 5.06 18.50
N SER D 31 8.83 3.84 18.88
CA SER D 31 9.79 2.75 18.99
C SER D 31 9.68 1.75 17.86
N VAL D 32 8.55 1.75 17.13
CA VAL D 32 8.45 0.95 15.92
C VAL D 32 9.35 1.53 14.84
N LEU D 33 9.55 2.85 14.86
CA LEU D 33 10.45 3.50 13.93
C LEU D 33 11.85 3.57 14.53
N TYR D 34 12.86 3.55 13.64
CA TYR D 34 14.28 3.77 13.87
C TYR D 34 14.90 2.89 14.97
N ASN D 35 14.22 1.82 15.39
CA ASN D 35 14.74 0.91 16.39
C ASN D 35 14.64 -0.55 15.98
N SER D 36 13.72 -0.89 15.08
CA SER D 36 13.67 -2.23 14.50
C SER D 36 14.51 -2.34 13.23
N ALA D 37 14.68 -1.22 12.52
CA ALA D 37 15.48 -1.12 11.29
C ALA D 37 15.03 -2.10 10.21
N SER D 38 13.73 -2.38 10.16
CA SER D 38 13.16 -3.24 9.14
C SER D 38 12.77 -2.48 7.88
N PHE D 39 13.08 -1.19 7.82
CA PHE D 39 12.67 -0.31 6.74
C PHE D 39 13.88 0.06 5.89
N SER D 40 13.75 -0.09 4.58
CA SER D 40 14.85 0.22 3.69
C SER D 40 15.00 1.72 3.51
N THR D 41 13.98 2.38 2.96
CA THR D 41 13.99 3.82 2.81
C THR D 41 13.37 4.46 4.03
N PHE D 42 14.09 5.40 4.64
CA PHE D 42 13.65 6.05 5.88
C PHE D 42 13.93 7.55 5.81
N LYS D 43 13.69 8.15 4.66
CA LYS D 43 14.10 9.53 4.41
C LYS D 43 13.24 10.50 5.20
N CYS D 44 13.58 10.71 6.46
CA CYS D 44 12.79 11.54 7.37
C CYS D 44 13.19 12.99 7.19
N TYR D 45 12.39 13.75 6.46
CA TYR D 45 12.61 15.17 6.28
C TYR D 45 12.14 15.93 7.52
N GLY D 46 12.48 17.22 7.56
CA GLY D 46 12.04 18.07 8.66
C GLY D 46 12.72 17.75 9.96
N VAL D 47 11.97 17.12 10.88
CA VAL D 47 12.52 16.72 12.16
C VAL D 47 13.54 15.60 11.96
N SER D 48 14.62 15.63 12.77
CA SER D 48 15.55 14.51 12.76
C SER D 48 14.89 13.30 13.42
N PRO D 49 15.06 12.10 12.85
CA PRO D 49 14.17 10.98 13.19
C PRO D 49 14.36 10.38 14.57
N THR D 50 15.44 10.70 15.29
CA THR D 50 15.70 9.98 16.52
C THR D 50 15.10 10.65 17.76
N LYS D 51 14.91 11.96 17.77
CA LYS D 51 14.42 12.67 18.96
C LYS D 51 12.92 12.92 18.89
N LEU D 52 12.14 11.89 18.61
CA LEU D 52 10.68 12.04 18.59
C LEU D 52 10.01 11.64 19.88
N ASN D 53 10.73 11.00 20.80
CA ASN D 53 10.12 10.60 22.07
C ASN D 53 9.90 11.81 22.97
N ASP D 54 10.88 12.71 23.03
CA ASP D 54 10.78 13.91 23.85
C ASP D 54 9.96 15.02 23.19
N LEU D 55 9.40 14.77 22.02
CA LEU D 55 8.44 15.67 21.38
C LEU D 55 7.05 15.09 21.47
N CYS D 56 6.05 15.96 21.54
CA CYS D 56 4.66 15.55 21.56
C CYS D 56 3.90 16.34 20.51
N PHE D 57 3.33 15.64 19.54
CA PHE D 57 2.54 16.23 18.47
C PHE D 57 1.08 15.83 18.62
N THR D 58 0.21 16.69 18.10
CA THR D 58 -1.20 16.38 17.93
C THR D 58 -1.50 16.30 16.44
N ASN D 59 -2.66 15.71 16.12
CA ASN D 59 -3.30 15.51 14.82
C ASN D 59 -2.35 15.21 13.66
N VAL D 60 -1.61 14.11 13.77
CA VAL D 60 -0.69 13.67 12.72
C VAL D 60 -1.43 12.69 11.82
N TYR D 61 -0.89 12.49 10.62
CA TYR D 61 -1.57 11.68 9.60
C TYR D 61 -0.67 10.56 9.11
N ALA D 62 -1.29 9.50 8.61
CA ALA D 62 -0.60 8.28 8.24
C ALA D 62 -1.08 7.76 6.88
N ASP D 63 -1.10 8.64 5.88
CA ASP D 63 -1.55 8.24 4.55
C ASP D 63 -0.54 7.31 3.89
N SER D 64 -1.04 6.21 3.33
CA SER D 64 -0.21 5.11 2.90
C SER D 64 -0.79 4.45 1.65
N PHE D 65 0.07 3.83 0.86
CA PHE D 65 -0.34 3.21 -0.41
C PHE D 65 0.69 2.15 -0.79
N VAL D 66 0.62 1.67 -2.04
CA VAL D 66 1.57 0.68 -2.52
C VAL D 66 1.93 0.91 -3.99
N ILE D 67 3.20 1.14 -4.28
CA ILE D 67 3.66 1.56 -5.59
C ILE D 67 4.71 0.60 -6.11
N ARG D 68 5.09 0.79 -7.37
CA ARG D 68 6.11 -0.02 -8.02
C ARG D 68 7.49 0.28 -7.43
N GLY D 69 8.44 -0.62 -7.67
CA GLY D 69 9.74 -0.53 -7.03
C GLY D 69 10.55 0.68 -7.49
N ASP D 70 10.70 0.85 -8.79
CA ASP D 70 11.60 1.93 -9.22
C ASP D 70 10.98 3.34 -9.11
N GLU D 71 9.83 3.51 -8.48
CA GLU D 71 9.22 4.83 -8.28
C GLU D 71 9.02 5.14 -6.81
N VAL D 72 9.73 4.46 -5.91
CA VAL D 72 9.68 4.81 -4.49
C VAL D 72 10.32 6.17 -4.27
N ARG D 73 11.37 6.48 -5.03
CA ARG D 73 12.08 7.75 -4.88
C ARG D 73 11.37 8.93 -5.51
N GLN D 74 10.11 8.81 -5.90
CA GLN D 74 9.32 9.96 -6.29
C GLN D 74 8.45 10.47 -5.15
N ILE D 75 8.30 9.70 -4.08
CA ILE D 75 7.59 10.19 -2.90
C ILE D 75 8.58 11.02 -2.10
N ALA D 76 8.67 12.30 -2.44
CA ALA D 76 9.73 13.19 -2.00
C ALA D 76 9.33 14.61 -2.38
N PRO D 77 9.80 15.62 -1.64
CA PRO D 77 9.45 17.00 -1.97
C PRO D 77 10.04 17.49 -3.28
N GLY D 78 9.18 17.72 -4.27
CA GLY D 78 9.57 18.39 -5.49
C GLY D 78 9.91 17.51 -6.67
N GLN D 79 10.01 16.20 -6.48
CA GLN D 79 10.38 15.32 -7.57
C GLN D 79 9.21 15.12 -8.52
N THR D 80 9.53 15.01 -9.81
CA THR D 80 8.54 14.86 -10.87
C THR D 80 8.66 13.49 -11.52
N GLY D 81 7.52 12.86 -11.77
CA GLY D 81 7.48 11.57 -12.42
C GLY D 81 6.10 11.25 -12.95
N THR D 82 5.68 9.99 -12.86
CA THR D 82 4.35 9.60 -13.27
C THR D 82 3.42 9.29 -12.11
N ILE D 83 3.94 9.18 -10.89
CA ILE D 83 3.10 9.04 -9.70
C ILE D 83 3.34 10.13 -8.69
N ALA D 84 4.33 10.99 -8.89
CA ALA D 84 4.50 12.19 -8.09
C ALA D 84 3.90 13.41 -8.77
N ASP D 85 3.24 13.21 -9.89
CA ASP D 85 2.62 14.29 -10.64
C ASP D 85 1.18 14.01 -11.01
N TYR D 86 0.78 12.75 -11.09
CA TYR D 86 -0.58 12.39 -11.46
C TYR D 86 -1.34 11.63 -10.39
N ASN D 87 -0.67 11.16 -9.33
CA ASN D 87 -1.32 10.33 -8.33
C ASN D 87 -1.26 10.92 -6.92
N TYR D 88 -0.07 11.29 -6.46
CA TYR D 88 0.11 11.74 -5.07
C TYR D 88 1.37 12.60 -5.04
N LYS D 89 1.22 13.90 -4.88
CA LYS D 89 2.33 14.85 -5.01
C LYS D 89 2.62 15.47 -3.66
N LEU D 90 3.82 15.23 -3.15
CA LEU D 90 4.23 15.77 -1.86
C LEU D 90 4.54 17.27 -1.97
N PRO D 91 4.29 18.04 -0.91
CA PRO D 91 4.54 19.48 -0.97
C PRO D 91 5.98 19.81 -0.58
N ASP D 92 6.36 21.05 -0.88
CA ASP D 92 7.72 21.51 -0.63
C ASP D 92 8.02 21.75 0.84
N ASP D 93 7.00 21.92 1.68
CA ASP D 93 7.19 22.18 3.10
C ASP D 93 6.81 20.96 3.93
N PHE D 94 7.08 19.77 3.42
CA PHE D 94 6.73 18.55 4.13
C PHE D 94 7.69 18.33 5.30
N THR D 95 7.14 17.87 6.43
CA THR D 95 7.94 17.60 7.62
C THR D 95 7.49 16.30 8.28
N GLY D 96 8.11 15.21 7.86
CA GLY D 96 7.76 13.91 8.40
C GLY D 96 8.71 12.84 7.93
N CYS D 97 8.25 11.60 8.03
CA CYS D 97 9.05 10.43 7.68
C CYS D 97 8.38 9.72 6.51
N VAL D 98 9.15 9.43 5.47
CA VAL D 98 8.68 8.71 4.30
C VAL D 98 9.23 7.30 4.41
N ILE D 99 8.44 6.42 4.97
CA ILE D 99 8.85 5.04 5.21
C ILE D 99 8.46 4.19 4.01
N ALA D 100 9.27 3.16 3.73
CA ALA D 100 9.03 2.29 2.59
C ALA D 100 9.79 1.00 2.79
N TRP D 101 9.20 -0.12 2.40
CA TRP D 101 9.87 -1.41 2.48
C TRP D 101 9.33 -2.33 1.41
N ASN D 102 10.15 -3.31 1.05
CA ASN D 102 9.73 -4.32 0.09
C ASN D 102 8.73 -5.26 0.72
N SER D 103 7.61 -5.47 0.04
CA SER D 103 6.62 -6.47 0.43
C SER D 103 6.24 -7.20 -0.85
N ASN D 104 7.03 -8.20 -1.21
CA ASN D 104 6.76 -8.99 -2.40
C ASN D 104 6.03 -10.28 -2.10
N ASN D 105 6.01 -10.72 -0.84
CA ASN D 105 5.21 -11.87 -0.48
C ASN D 105 3.73 -11.56 -0.44
N LEU D 106 3.36 -10.28 -0.32
CA LEU D 106 2.01 -9.92 0.06
C LEU D 106 1.23 -9.17 -1.01
N ASP D 107 1.89 -8.62 -2.03
CA ASP D 107 1.21 -7.74 -2.99
C ASP D 107 1.61 -8.08 -4.42
N SER D 108 1.78 -9.35 -4.74
CA SER D 108 2.06 -9.75 -6.10
C SER D 108 1.32 -11.04 -6.42
N LYS D 109 1.10 -11.28 -7.71
CA LYS D 109 0.38 -12.46 -8.17
C LYS D 109 1.12 -13.07 -9.35
N VAL D 110 0.99 -14.39 -9.49
CA VAL D 110 1.49 -15.06 -10.70
C VAL D 110 0.55 -14.71 -11.83
N GLY D 111 0.98 -13.82 -12.72
CA GLY D 111 0.16 -13.35 -13.80
C GLY D 111 -0.37 -11.94 -13.64
N GLY D 112 0.32 -11.07 -12.90
CA GLY D 112 -0.12 -9.70 -12.73
C GLY D 112 -1.16 -9.56 -11.64
N ASN D 113 -0.98 -8.59 -10.75
CA ASN D 113 -1.94 -8.39 -9.66
C ASN D 113 -3.14 -7.58 -10.12
N TYR D 114 -2.91 -6.51 -10.87
CA TYR D 114 -3.89 -5.70 -11.62
C TYR D 114 -4.84 -4.89 -10.75
N ASN D 115 -4.80 -5.01 -9.42
CA ASN D 115 -5.69 -4.24 -8.56
C ASN D 115 -5.04 -3.00 -7.99
N TYR D 116 -3.82 -2.68 -8.38
CA TYR D 116 -3.12 -1.50 -7.87
C TYR D 116 -2.87 -0.57 -9.06
N ARG D 117 -3.87 0.23 -9.38
CA ARG D 117 -3.83 1.04 -10.59
C ARG D 117 -2.97 2.27 -10.37
N TYR D 118 -2.77 3.04 -11.44
CA TYR D 118 -2.08 4.32 -11.36
C TYR D 118 -2.57 5.20 -12.50
N ARG D 119 -2.74 6.48 -12.21
CA ARG D 119 -3.34 7.41 -13.17
C ARG D 119 -2.30 7.79 -14.21
N LEU D 120 -2.45 7.25 -15.42
CA LEU D 120 -1.44 7.49 -16.45
C LEU D 120 -1.66 8.81 -17.16
N PHE D 121 -2.91 9.21 -17.38
CA PHE D 121 -3.24 10.42 -18.11
C PHE D 121 -4.11 11.34 -17.27
N ARG D 122 -3.92 12.63 -17.43
CA ARG D 122 -4.74 13.63 -16.75
C ARG D 122 -4.69 14.91 -17.56
N LYS D 123 -5.62 15.82 -17.25
CA LYS D 123 -5.65 17.10 -17.94
C LYS D 123 -4.48 17.99 -17.53
N SER D 124 -4.10 17.94 -16.26
CA SER D 124 -3.02 18.79 -15.76
C SER D 124 -2.38 18.11 -14.55
N ASN D 125 -1.42 18.80 -13.96
CA ASN D 125 -0.70 18.29 -12.80
C ASN D 125 -1.58 18.32 -11.56
N LEU D 126 -1.07 17.73 -10.48
CA LEU D 126 -1.78 17.76 -9.21
C LEU D 126 -1.24 18.84 -8.30
N LYS D 127 -2.08 19.22 -7.35
CA LYS D 127 -1.71 20.09 -6.25
C LYS D 127 -1.12 19.26 -5.13
N PRO D 128 -0.57 19.87 -4.07
CA PRO D 128 -0.19 19.08 -2.90
C PRO D 128 -1.38 18.35 -2.27
N PHE D 129 -1.22 17.04 -2.13
CA PHE D 129 -2.15 16.10 -1.50
C PHE D 129 -3.50 15.99 -2.20
N GLU D 130 -3.65 16.52 -3.40
CA GLU D 130 -4.94 16.48 -4.08
C GLU D 130 -5.15 15.12 -4.72
N ARG D 131 -6.12 14.37 -4.23
CA ARG D 131 -6.40 13.05 -4.80
C ARG D 131 -7.48 13.13 -5.87
N ASP D 132 -7.37 12.23 -6.84
CA ASP D 132 -8.31 12.14 -7.95
C ASP D 132 -8.82 10.72 -8.03
N ILE D 133 -10.13 10.56 -8.17
CA ILE D 133 -10.72 9.23 -8.19
C ILE D 133 -11.65 9.09 -9.40
N SER D 134 -11.83 10.19 -10.13
CA SER D 134 -12.74 10.18 -11.27
C SER D 134 -12.16 9.38 -12.42
N THR D 135 -13.03 8.59 -13.07
CA THR D 135 -12.65 7.70 -14.16
C THR D 135 -13.22 8.18 -15.49
N GLU D 136 -13.30 9.49 -15.69
CA GLU D 136 -13.72 10.04 -16.97
C GLU D 136 -12.66 9.77 -18.04
N ILE D 137 -13.12 9.55 -19.26
CA ILE D 137 -12.24 9.11 -20.33
C ILE D 137 -11.49 10.29 -20.90
N TYR D 138 -10.24 10.07 -21.30
CA TYR D 138 -9.29 11.18 -21.46
C TYR D 138 -9.49 11.95 -22.75
N GLN D 139 -9.83 11.27 -23.85
CA GLN D 139 -9.93 11.80 -25.23
C GLN D 139 -8.73 12.66 -25.59
N ALA D 140 -7.58 11.97 -25.69
CA ALA D 140 -6.30 12.63 -25.95
C ALA D 140 -6.26 13.34 -27.29
N GLY D 141 -7.00 12.84 -28.29
CA GLY D 141 -7.10 13.52 -29.56
C GLY D 141 -8.00 14.74 -29.50
N SER D 142 -8.00 15.50 -30.60
CA SER D 142 -8.84 16.70 -30.65
C SER D 142 -10.30 16.36 -30.84
N LYS D 143 -10.60 15.17 -31.35
CA LYS D 143 -11.98 14.75 -31.53
C LYS D 143 -12.58 14.40 -30.17
N PRO D 144 -13.74 14.97 -29.82
CA PRO D 144 -14.33 14.68 -28.50
C PRO D 144 -14.90 13.27 -28.41
N CYS D 145 -14.18 12.40 -27.71
CA CYS D 145 -14.58 11.01 -27.54
C CYS D 145 -15.44 10.90 -26.29
N ASN D 146 -16.75 10.75 -26.49
CA ASN D 146 -17.71 10.73 -25.38
C ASN D 146 -17.88 9.30 -24.84
N GLY D 147 -16.80 8.80 -24.25
CA GLY D 147 -16.83 7.49 -23.64
C GLY D 147 -16.87 6.33 -24.61
N VAL D 148 -16.20 6.46 -25.75
CA VAL D 148 -16.19 5.38 -26.73
C VAL D 148 -15.02 4.43 -26.49
N LYS D 149 -13.90 4.94 -25.96
CA LYS D 149 -12.67 4.20 -25.68
C LYS D 149 -12.12 3.53 -26.95
N GLY D 150 -11.73 4.39 -27.90
CA GLY D 150 -11.19 3.91 -29.15
C GLY D 150 -9.89 4.60 -29.54
N PHE D 151 -9.86 5.18 -30.74
CA PHE D 151 -8.67 5.87 -31.22
C PHE D 151 -8.51 7.19 -30.49
N ASN D 152 -7.32 7.39 -29.90
CA ASN D 152 -6.97 8.57 -29.07
C ASN D 152 -7.96 8.75 -27.92
N CYS D 153 -8.40 7.65 -27.34
CA CYS D 153 -9.42 7.66 -26.29
C CYS D 153 -9.09 6.49 -25.35
N TYR D 154 -8.35 6.80 -24.28
CA TYR D 154 -7.82 5.79 -23.39
C TYR D 154 -8.51 5.84 -22.02
N PHE D 155 -8.67 4.68 -21.41
CA PHE D 155 -9.02 4.59 -20.01
C PHE D 155 -7.86 5.15 -19.19
N PRO D 156 -8.05 6.22 -18.42
CA PRO D 156 -6.89 6.93 -17.86
C PRO D 156 -6.22 6.22 -16.69
N LEU D 157 -6.89 5.27 -16.04
CA LEU D 157 -6.28 4.55 -14.93
C LEU D 157 -5.69 3.24 -15.46
N GLN D 158 -4.48 3.34 -15.99
CA GLN D 158 -3.76 2.16 -16.44
C GLN D 158 -3.33 1.34 -15.23
N SER D 159 -3.20 0.03 -15.40
CA SER D 159 -2.99 -0.88 -14.29
C SER D 159 -1.57 -1.37 -14.23
N TYR D 160 -1.03 -1.42 -13.01
CA TYR D 160 0.22 -2.10 -12.76
C TYR D 160 0.02 -3.61 -12.85
N GLY D 161 1.12 -4.33 -12.98
CA GLY D 161 1.11 -5.76 -12.79
C GLY D 161 2.35 -6.18 -12.05
N PHE D 162 2.19 -6.78 -10.88
CA PHE D 162 3.32 -7.15 -10.03
C PHE D 162 3.49 -8.66 -10.08
N GLN D 163 4.45 -9.12 -10.77
CA GLN D 163 4.59 -10.50 -10.69
C GLN D 163 5.68 -10.68 -9.85
N PRO D 164 5.70 -11.73 -9.27
CA PRO D 164 6.63 -12.20 -8.36
C PRO D 164 7.88 -12.49 -8.93
N THR D 165 8.21 -12.52 -10.18
CA THR D 165 9.47 -12.84 -10.60
C THR D 165 10.13 -11.76 -11.31
N TYR D 166 9.84 -10.50 -11.09
CA TYR D 166 10.53 -9.46 -11.79
C TYR D 166 11.75 -9.15 -11.13
N GLY D 167 12.40 -8.12 -11.59
CA GLY D 167 13.60 -7.61 -10.95
C GLY D 167 13.39 -6.65 -9.78
N VAL D 168 14.38 -5.87 -9.35
CA VAL D 168 14.03 -4.97 -8.34
C VAL D 168 13.16 -4.01 -8.63
N GLY D 169 13.34 -3.41 -9.74
CA GLY D 169 12.57 -2.31 -10.11
C GLY D 169 11.13 -2.42 -10.18
N TYR D 170 10.53 -3.52 -10.58
CA TYR D 170 9.10 -3.77 -10.80
C TYR D 170 8.65 -4.68 -9.67
N GLN D 171 8.31 -4.08 -8.53
CA GLN D 171 8.01 -4.84 -7.31
C GLN D 171 7.20 -3.95 -6.39
N PRO D 172 6.27 -4.51 -5.62
CA PRO D 172 5.38 -3.67 -4.79
C PRO D 172 6.04 -3.27 -3.49
N TYR D 173 5.97 -1.97 -3.18
CA TYR D 173 6.63 -1.39 -2.01
C TYR D 173 5.59 -0.59 -1.22
N ARG D 174 5.16 -1.11 -0.08
CA ARG D 174 4.12 -0.43 0.69
C ARG D 174 4.63 0.81 1.39
N VAL D 175 4.63 1.95 0.70
CA VAL D 175 5.09 3.20 1.28
C VAL D 175 4.08 3.72 2.28
N VAL D 176 4.55 4.16 3.44
CA VAL D 176 3.74 4.88 4.42
C VAL D 176 4.39 6.23 4.65
N VAL D 177 3.60 7.29 4.64
CA VAL D 177 4.10 8.66 4.74
C VAL D 177 3.58 9.26 6.03
N LEU D 178 4.36 9.20 7.09
CA LEU D 178 4.03 9.95 8.30
C LEU D 178 4.24 11.44 8.04
N SER D 179 3.25 12.25 8.41
CA SER D 179 3.16 13.63 7.92
C SER D 179 2.92 14.59 9.09
N PHE D 180 3.81 14.52 10.09
CA PHE D 180 3.79 15.36 11.29
C PHE D 180 3.68 16.86 11.01
N GLU D 181 3.13 17.61 11.96
CA GLU D 181 3.08 19.06 11.85
C GLU D 181 3.01 19.64 13.26
N LEU D 182 3.28 20.94 13.36
CA LEU D 182 3.20 21.65 14.62
C LEU D 182 1.75 21.92 14.99
N LEU D 183 1.48 21.89 16.29
CA LEU D 183 0.13 21.99 16.89
C LEU D 183 -0.82 20.96 16.29
N ASP E 1 26.59 -3.44 15.78
CA ASP E 1 27.32 -3.97 14.66
C ASP E 1 27.29 -5.50 14.67
N ILE E 2 27.36 -6.11 13.49
CA ILE E 2 27.24 -7.55 13.33
C ILE E 2 28.57 -8.08 12.82
N VAL E 3 29.01 -9.21 13.37
CA VAL E 3 30.24 -9.86 12.95
C VAL E 3 29.89 -11.03 12.03
N MET E 4 30.56 -11.10 10.89
CA MET E 4 30.25 -12.08 9.85
C MET E 4 31.45 -13.00 9.67
N THR E 5 31.33 -14.24 10.12
CA THR E 5 32.39 -15.23 10.01
C THR E 5 32.02 -16.25 8.94
N GLN E 6 33.00 -16.63 8.12
CA GLN E 6 32.83 -17.61 7.06
C GLN E 6 33.69 -18.82 7.39
N SER E 7 33.06 -19.98 7.53
CA SER E 7 33.75 -21.15 8.08
C SER E 7 34.75 -21.80 7.11
N PRO E 8 34.45 -22.02 5.79
CA PRO E 8 35.55 -22.38 4.90
C PRO E 8 36.26 -21.15 4.36
N SER E 9 37.54 -21.00 4.67
CA SER E 9 38.26 -19.78 4.30
C SER E 9 39.02 -19.90 3.00
N SER E 10 39.22 -21.11 2.48
CA SER E 10 39.89 -21.30 1.21
C SER E 10 39.42 -22.61 0.61
N LEU E 11 38.98 -22.57 -0.64
CA LEU E 11 38.35 -23.71 -1.29
C LEU E 11 39.22 -24.22 -2.42
N ALA E 12 39.31 -25.55 -2.52
CA ALA E 12 40.02 -26.23 -3.59
C ALA E 12 39.16 -27.40 -4.07
N MET E 13 38.51 -27.24 -5.21
CA MET E 13 37.65 -28.28 -5.76
C MET E 13 37.86 -28.38 -7.25
N SER E 14 37.85 -29.60 -7.78
CA SER E 14 38.04 -29.85 -9.20
C SER E 14 36.78 -29.49 -9.99
N VAL E 15 36.94 -29.41 -11.31
CA VAL E 15 35.86 -28.98 -12.18
C VAL E 15 34.80 -30.07 -12.29
N GLY E 16 33.55 -29.71 -12.01
CA GLY E 16 32.42 -30.60 -12.21
C GLY E 16 31.72 -31.06 -10.96
N GLN E 17 31.99 -30.45 -9.81
CA GLN E 17 31.39 -30.87 -8.56
C GLN E 17 30.66 -29.72 -7.88
N LYS E 18 29.95 -30.06 -6.81
CA LYS E 18 29.12 -29.11 -6.06
C LYS E 18 29.95 -28.52 -4.94
N VAL E 19 30.29 -27.24 -5.06
CA VAL E 19 30.93 -26.53 -3.96
C VAL E 19 29.86 -25.85 -3.13
N THR E 20 30.09 -25.79 -1.81
CA THR E 20 29.14 -25.18 -0.87
C THR E 20 29.94 -24.37 0.13
N MET E 21 29.74 -23.05 0.14
CA MET E 21 30.39 -22.18 1.10
C MET E 21 29.43 -21.84 2.23
N SER E 22 29.85 -20.94 3.11
CA SER E 22 29.05 -20.60 4.27
C SER E 22 29.33 -19.18 4.72
N CYS E 23 28.39 -18.62 5.47
CA CYS E 23 28.50 -17.31 6.08
C CYS E 23 27.54 -17.26 7.26
N LYS E 24 27.97 -16.62 8.34
CA LYS E 24 27.18 -16.53 9.56
C LYS E 24 27.02 -15.07 9.96
N SER E 25 26.25 -14.86 11.03
CA SER E 25 26.04 -13.53 11.58
C SER E 25 25.79 -13.68 13.08
N SER E 26 25.28 -12.62 13.70
CA SER E 26 24.92 -12.62 15.10
C SER E 26 23.41 -12.49 15.32
N GLN E 27 22.77 -11.56 14.61
CA GLN E 27 21.34 -11.35 14.70
C GLN E 27 20.62 -12.16 13.64
N SER E 28 19.37 -12.49 13.91
CA SER E 28 18.52 -13.13 12.92
C SER E 28 18.16 -12.09 11.85
N LEU E 29 18.59 -12.33 10.62
CA LEU E 29 18.47 -11.32 9.57
C LEU E 29 17.17 -11.46 8.80
N LEU E 30 16.05 -11.56 9.50
CA LEU E 30 14.73 -11.75 8.89
C LEU E 30 13.79 -10.77 9.58
N ASN E 31 13.45 -9.68 8.89
CA ASN E 31 12.52 -8.71 9.46
C ASN E 31 11.11 -9.28 9.49
N SER E 32 10.34 -8.85 10.48
CA SER E 32 9.07 -9.48 10.79
C SER E 32 7.94 -9.06 9.86
N TYR E 33 8.17 -8.10 8.95
CA TYR E 33 7.06 -7.58 8.17
C TYR E 33 6.77 -8.40 6.92
N ASN E 34 7.74 -8.54 6.02
CA ASN E 34 7.53 -9.29 4.80
C ASN E 34 8.08 -10.71 4.85
N GLN E 35 8.85 -11.04 5.89
CA GLN E 35 9.43 -12.38 6.11
C GLN E 35 10.29 -12.83 4.94
N GLU E 36 11.11 -11.92 4.42
CA GLU E 36 11.99 -12.22 3.30
C GLU E 36 13.39 -11.77 3.71
N ASN E 37 14.21 -12.73 4.13
CA ASN E 37 15.41 -12.45 4.90
C ASN E 37 16.53 -11.88 4.03
N TYR E 38 17.39 -11.09 4.66
CA TYR E 38 18.33 -10.22 3.97
C TYR E 38 19.75 -10.76 4.05
N LEU E 39 20.44 -10.78 2.90
CA LEU E 39 21.87 -11.06 2.78
C LEU E 39 22.27 -10.67 1.36
N ALA E 40 23.55 -10.78 1.05
CA ALA E 40 24.03 -10.66 -0.32
C ALA E 40 25.24 -11.58 -0.49
N TRP E 41 25.71 -11.68 -1.72
CA TRP E 41 26.96 -12.38 -2.04
C TRP E 41 27.66 -11.61 -3.16
N TYR E 42 28.93 -11.91 -3.37
CA TYR E 42 29.71 -11.17 -4.35
C TYR E 42 30.75 -12.09 -4.98
N GLN E 43 31.30 -11.64 -6.11
CA GLN E 43 32.34 -12.35 -6.82
C GLN E 43 33.33 -11.34 -7.36
N GLN E 44 34.59 -11.45 -6.95
CA GLN E 44 35.63 -10.50 -7.34
C GLN E 44 36.77 -11.26 -8.00
N LYS E 45 36.82 -11.22 -9.32
CA LYS E 45 37.96 -11.78 -10.03
C LYS E 45 39.20 -10.93 -9.75
N PRO E 46 40.38 -11.56 -9.65
CA PRO E 46 41.59 -10.81 -9.27
C PRO E 46 42.00 -9.83 -10.35
N GLY E 47 42.25 -8.60 -9.96
CA GLY E 47 42.48 -7.53 -10.90
C GLY E 47 41.20 -7.05 -11.57
N GLN E 48 40.05 -7.31 -10.96
CA GLN E 48 38.76 -6.97 -11.55
C GLN E 48 37.83 -6.55 -10.43
N SER E 49 36.89 -5.66 -10.77
CA SER E 49 35.92 -5.16 -9.81
C SER E 49 35.01 -6.29 -9.33
N PRO E 50 34.57 -6.27 -8.07
CA PRO E 50 33.59 -7.25 -7.62
C PRO E 50 32.24 -7.01 -8.26
N LYS E 51 31.55 -8.09 -8.59
CA LYS E 51 30.23 -8.01 -9.17
C LYS E 51 29.28 -8.88 -8.38
N LEU E 52 28.00 -8.51 -8.42
CA LEU E 52 26.99 -9.14 -7.58
C LEU E 52 26.58 -10.50 -8.14
N LEU E 53 26.29 -11.43 -7.23
CA LEU E 53 25.76 -12.72 -7.64
C LEU E 53 24.33 -12.93 -7.16
N VAL E 54 24.12 -12.89 -5.85
CA VAL E 54 22.87 -13.33 -5.22
C VAL E 54 22.42 -12.26 -4.24
N TYR E 55 21.28 -11.63 -4.52
CA TYR E 55 20.58 -10.80 -3.55
C TYR E 55 19.67 -11.68 -2.69
N PHE E 56 18.63 -11.07 -2.11
CA PHE E 56 18.23 -11.19 -0.70
C PHE E 56 18.60 -12.47 0.04
N ALA E 57 17.98 -13.60 -0.30
CA ALA E 57 18.33 -14.85 0.32
C ALA E 57 18.73 -15.92 -0.69
N SER E 58 17.83 -16.24 -1.62
CA SER E 58 18.12 -17.10 -2.75
C SER E 58 17.38 -16.53 -3.95
N THR E 59 17.98 -15.53 -4.59
CA THR E 59 17.49 -14.93 -5.83
C THR E 59 18.71 -14.54 -6.63
N ARG E 60 19.00 -15.26 -7.71
CA ARG E 60 20.06 -14.84 -8.59
C ARG E 60 19.62 -13.59 -9.37
N GLU E 61 20.60 -12.83 -9.83
CA GLU E 61 20.31 -11.62 -10.58
C GLU E 61 20.04 -11.99 -12.05
N SER E 62 19.91 -10.99 -12.91
CA SER E 62 19.54 -11.24 -14.31
C SER E 62 20.70 -11.80 -15.10
N GLY E 63 21.80 -11.04 -15.19
CA GLY E 63 22.90 -11.39 -16.08
C GLY E 63 23.79 -12.52 -15.61
N VAL E 64 23.64 -12.97 -14.38
CA VAL E 64 24.51 -14.03 -13.84
C VAL E 64 24.02 -15.37 -14.38
N PRO E 65 24.88 -16.39 -14.47
CA PRO E 65 24.42 -17.70 -14.94
C PRO E 65 23.53 -18.43 -13.94
N ASP E 66 23.02 -19.58 -14.34
CA ASP E 66 22.07 -20.34 -13.55
C ASP E 66 22.72 -21.30 -12.56
N ARG E 67 24.04 -21.31 -12.46
CA ARG E 67 24.71 -22.24 -11.57
C ARG E 67 24.68 -21.76 -10.12
N PHE E 68 24.62 -20.45 -9.91
CA PHE E 68 24.67 -19.89 -8.57
C PHE E 68 23.28 -19.93 -7.94
N ILE E 69 23.11 -20.76 -6.92
CA ILE E 69 21.88 -20.82 -6.15
C ILE E 69 22.21 -20.60 -4.69
N GLY E 70 21.65 -19.53 -4.11
CA GLY E 70 21.82 -19.24 -2.71
C GLY E 70 20.84 -20.03 -1.85
N SER E 71 20.94 -19.82 -0.54
CA SER E 71 20.07 -20.46 0.42
C SER E 71 20.14 -19.66 1.73
N GLY E 72 19.59 -20.23 2.80
CA GLY E 72 19.80 -19.70 4.12
C GLY E 72 18.80 -18.65 4.55
N SER E 73 18.38 -18.72 5.81
CA SER E 73 17.41 -17.78 6.35
C SER E 73 17.71 -17.58 7.83
N GLY E 74 17.79 -16.32 8.26
CA GLY E 74 18.08 -16.03 9.64
C GLY E 74 19.54 -15.77 9.92
N THR E 75 20.25 -16.79 10.40
CA THR E 75 21.64 -16.63 10.84
C THR E 75 22.66 -17.37 9.99
N ASP E 76 22.36 -18.57 9.52
CA ASP E 76 23.32 -19.38 8.78
C ASP E 76 22.91 -19.44 7.31
N PHE E 77 23.90 -19.27 6.42
CA PHE E 77 23.64 -19.18 5.00
C PHE E 77 24.64 -20.03 4.24
N THR E 78 24.23 -20.48 3.05
CA THR E 78 25.09 -21.29 2.19
C THR E 78 24.88 -20.86 0.75
N LEU E 79 25.94 -20.38 0.10
CA LEU E 79 25.92 -20.11 -1.33
C LEU E 79 26.41 -21.36 -2.07
N THR E 80 25.59 -21.87 -2.97
CA THR E 80 25.86 -23.12 -3.65
C THR E 80 26.04 -22.87 -5.14
N ILE E 81 27.18 -23.27 -5.67
CA ILE E 81 27.39 -23.38 -7.10
C ILE E 81 27.17 -24.83 -7.49
N SER E 82 26.38 -25.06 -8.54
CA SER E 82 26.01 -26.42 -8.91
C SER E 82 27.17 -27.13 -9.62
N SER E 83 27.61 -26.59 -10.76
CA SER E 83 28.70 -27.17 -11.52
C SER E 83 29.78 -26.10 -11.68
N VAL E 84 30.90 -26.27 -10.99
CA VAL E 84 31.97 -25.29 -11.03
C VAL E 84 32.71 -25.38 -12.36
N GLN E 85 32.97 -24.23 -12.97
CA GLN E 85 33.60 -24.15 -14.27
C GLN E 85 34.99 -23.54 -14.13
N ALA E 86 35.64 -23.31 -15.28
CA ALA E 86 36.99 -22.76 -15.30
C ALA E 86 37.05 -21.27 -15.06
N GLU E 87 35.91 -20.58 -15.11
CA GLU E 87 35.88 -19.14 -14.88
C GLU E 87 35.52 -18.78 -13.44
N ASP E 88 35.45 -19.77 -12.55
CA ASP E 88 35.18 -19.50 -11.14
C ASP E 88 36.49 -19.44 -10.34
N LEU E 89 37.36 -18.53 -10.78
CA LEU E 89 38.62 -18.25 -10.09
C LEU E 89 38.49 -16.85 -9.49
N ALA E 90 37.92 -16.79 -8.29
CA ALA E 90 37.66 -15.54 -7.61
C ALA E 90 37.46 -15.85 -6.13
N ASP E 91 37.19 -14.80 -5.36
CA ASP E 91 36.73 -14.97 -3.98
C ASP E 91 35.27 -14.60 -3.87
N TYR E 92 34.63 -15.08 -2.82
CA TYR E 92 33.17 -14.99 -2.69
C TYR E 92 32.84 -14.39 -1.33
N PHE E 93 32.46 -13.11 -1.33
CA PHE E 93 32.19 -12.38 -0.11
C PHE E 93 30.76 -12.61 0.35
N CYS E 94 30.58 -12.62 1.67
CA CYS E 94 29.27 -12.44 2.27
C CYS E 94 29.04 -10.95 2.51
N GLN E 95 27.80 -10.57 2.79
CA GLN E 95 27.50 -9.17 2.95
C GLN E 95 26.26 -9.02 3.82
N GLN E 96 26.34 -8.11 4.79
CA GLN E 96 25.22 -7.84 5.67
C GLN E 96 24.30 -6.82 5.04
N HIS E 97 23.02 -7.15 4.97
CA HIS E 97 22.04 -6.44 4.18
C HIS E 97 20.97 -5.74 5.02
N TYR E 98 20.88 -6.06 6.30
CA TYR E 98 19.71 -5.73 7.11
C TYR E 98 19.82 -4.36 7.76
N SER E 99 20.86 -4.12 8.55
CA SER E 99 20.95 -2.90 9.33
C SER E 99 22.17 -2.06 8.96
N THR E 100 22.42 -1.01 9.72
CA THR E 100 23.57 -0.13 9.58
C THR E 100 24.47 -0.28 10.78
N PRO E 101 25.79 -0.53 10.60
CA PRO E 101 26.64 -0.57 9.41
C PRO E 101 26.48 -1.84 8.57
N PHE E 102 27.27 -1.95 7.50
CA PHE E 102 26.96 -2.93 6.48
C PHE E 102 27.94 -4.10 6.49
N THR E 103 29.07 -3.94 7.19
CA THR E 103 29.89 -4.99 7.84
C THR E 103 30.07 -6.28 7.02
N PHE E 104 30.83 -6.14 5.92
CA PHE E 104 31.17 -7.25 5.04
C PHE E 104 31.88 -8.38 5.77
N GLY E 105 31.82 -9.58 5.20
CA GLY E 105 32.49 -10.73 5.75
C GLY E 105 33.92 -10.85 5.27
N SER E 106 34.49 -12.03 5.46
CA SER E 106 35.85 -12.31 5.02
C SER E 106 35.83 -12.73 3.55
N GLY E 107 36.96 -13.25 3.07
CA GLY E 107 37.04 -13.73 1.70
C GLY E 107 37.40 -15.20 1.59
N THR E 108 36.71 -15.93 0.71
CA THR E 108 36.96 -17.35 0.50
C THR E 108 37.57 -17.54 -0.88
N LYS E 109 38.86 -17.84 -0.93
CA LYS E 109 39.55 -18.05 -2.20
C LYS E 109 39.23 -19.43 -2.74
N LEU E 110 38.82 -19.49 -4.01
CA LEU E 110 38.45 -20.74 -4.68
C LEU E 110 39.42 -20.97 -5.83
N GLU E 111 40.21 -22.04 -5.74
CA GLU E 111 41.15 -22.41 -6.78
C GLU E 111 40.84 -23.81 -7.28
N ILE E 112 40.88 -23.96 -8.61
CA ILE E 112 40.57 -25.23 -9.26
C ILE E 112 41.73 -26.19 -9.06
N LYS E 113 41.43 -27.38 -8.54
CA LYS E 113 42.43 -28.42 -8.33
C LYS E 113 42.83 -29.04 -9.67
N GLN F 1 -28.67 -7.48 -3.49
CA GLN F 1 -27.52 -7.99 -2.77
C GLN F 1 -26.47 -8.51 -3.76
N VAL F 2 -25.20 -8.25 -3.46
CA VAL F 2 -24.10 -8.61 -4.35
C VAL F 2 -23.85 -10.11 -4.22
N GLN F 3 -24.09 -10.84 -5.31
CA GLN F 3 -24.01 -12.29 -5.28
C GLN F 3 -23.49 -12.80 -6.61
N LEU F 4 -23.16 -14.08 -6.64
CA LEU F 4 -22.74 -14.77 -7.86
C LEU F 4 -23.69 -15.92 -8.14
N GLN F 5 -24.12 -16.04 -9.39
CA GLN F 5 -25.01 -17.12 -9.81
C GLN F 5 -24.38 -17.85 -10.98
N GLN F 6 -24.58 -19.17 -11.00
CA GLN F 6 -24.01 -20.05 -12.00
C GLN F 6 -25.14 -20.76 -12.77
N SER F 7 -24.76 -21.71 -13.62
CA SER F 7 -25.72 -22.54 -14.31
C SER F 7 -26.09 -23.74 -13.44
N GLY F 8 -27.02 -24.57 -13.93
CA GLY F 8 -27.49 -25.70 -13.18
C GLY F 8 -26.55 -26.88 -13.28
N PRO F 9 -26.88 -27.94 -12.54
CA PRO F 9 -26.07 -29.16 -12.60
C PRO F 9 -26.30 -29.92 -13.89
N GLU F 10 -25.22 -30.46 -14.45
CA GLU F 10 -25.27 -31.15 -15.73
C GLU F 10 -24.81 -32.59 -15.57
N LEU F 11 -25.23 -33.41 -16.53
CA LEU F 11 -24.89 -34.84 -16.58
C LEU F 11 -24.79 -35.21 -18.06
N VAL F 12 -23.57 -35.18 -18.58
CA VAL F 12 -23.33 -35.30 -20.01
C VAL F 12 -22.41 -36.50 -20.29
N LYS F 13 -22.19 -36.75 -21.57
CA LYS F 13 -21.35 -37.85 -22.00
C LYS F 13 -19.88 -37.50 -21.81
N PRO F 14 -19.02 -38.52 -21.64
CA PRO F 14 -17.58 -38.24 -21.55
C PRO F 14 -16.99 -37.75 -22.86
N GLY F 15 -15.98 -36.89 -22.75
CA GLY F 15 -15.20 -36.45 -23.89
C GLY F 15 -15.65 -35.15 -24.52
N ALA F 16 -16.89 -34.74 -24.31
CA ALA F 16 -17.41 -33.56 -24.98
C ALA F 16 -16.97 -32.29 -24.26
N SER F 17 -16.84 -31.21 -25.04
CA SER F 17 -16.49 -29.91 -24.48
C SER F 17 -17.72 -29.30 -23.81
N VAL F 18 -17.57 -28.91 -22.55
CA VAL F 18 -18.68 -28.54 -21.68
C VAL F 18 -18.49 -27.10 -21.23
N ARG F 19 -19.56 -26.31 -21.33
CA ARG F 19 -19.57 -24.94 -20.86
C ARG F 19 -20.29 -24.86 -19.51
N ILE F 20 -19.78 -24.02 -18.62
CA ILE F 20 -20.41 -23.73 -17.33
C ILE F 20 -20.49 -22.21 -17.21
N SER F 21 -21.71 -21.68 -17.23
CA SER F 21 -21.92 -20.24 -17.17
C SER F 21 -21.91 -19.76 -15.73
N CYS F 22 -21.60 -18.48 -15.55
CA CYS F 22 -21.50 -17.89 -14.23
C CYS F 22 -21.82 -16.40 -14.36
N LYS F 23 -22.92 -15.97 -13.74
CA LYS F 23 -23.40 -14.61 -13.92
C LYS F 23 -22.98 -13.72 -12.76
N ALA F 24 -22.38 -12.58 -13.09
CA ALA F 24 -22.04 -11.57 -12.10
C ALA F 24 -23.29 -10.75 -11.77
N SER F 25 -23.33 -10.26 -10.53
CA SER F 25 -24.48 -9.49 -10.07
C SER F 25 -24.07 -8.62 -8.89
N GLY F 26 -24.35 -7.33 -8.98
CA GLY F 26 -24.09 -6.42 -7.88
C GLY F 26 -22.77 -5.70 -7.92
N TYR F 27 -21.66 -6.44 -7.82
CA TYR F 27 -20.36 -5.77 -7.81
C TYR F 27 -19.98 -5.36 -9.22
N THR F 28 -18.97 -4.49 -9.29
CA THR F 28 -18.38 -4.13 -10.57
C THR F 28 -17.60 -5.31 -11.11
N PHE F 29 -18.12 -5.93 -12.18
CA PHE F 29 -17.58 -7.19 -12.69
C PHE F 29 -16.19 -7.02 -13.29
N THR F 30 -15.84 -5.82 -13.75
CA THR F 30 -14.56 -5.58 -14.40
C THR F 30 -13.49 -5.14 -13.41
N SER F 31 -13.58 -5.58 -12.15
CA SER F 31 -12.56 -5.29 -11.15
C SER F 31 -12.15 -6.48 -10.31
N TYR F 32 -12.92 -7.56 -10.28
CA TYR F 32 -12.68 -8.67 -9.38
C TYR F 32 -12.03 -9.84 -10.12
N TYR F 33 -11.03 -10.43 -9.48
CA TYR F 33 -10.43 -11.67 -9.95
C TYR F 33 -11.45 -12.80 -9.89
N ILE F 34 -11.56 -13.56 -10.97
CA ILE F 34 -12.59 -14.59 -11.09
C ILE F 34 -11.87 -15.94 -10.97
N HIS F 35 -11.75 -16.46 -9.76
CA HIS F 35 -11.12 -17.75 -9.54
C HIS F 35 -12.10 -18.88 -9.81
N TRP F 36 -11.57 -20.09 -9.91
CA TRP F 36 -12.35 -21.32 -10.04
C TRP F 36 -11.68 -22.41 -9.22
N VAL F 37 -12.49 -23.27 -8.60
CA VAL F 37 -11.99 -24.31 -7.71
C VAL F 37 -12.56 -25.66 -8.11
N LYS F 38 -12.25 -26.70 -7.33
CA LYS F 38 -12.76 -28.04 -7.59
C LYS F 38 -12.91 -28.78 -6.27
N GLN F 39 -14.09 -29.37 -6.04
CA GLN F 39 -14.36 -30.12 -4.83
C GLN F 39 -14.77 -31.54 -5.22
N ARG F 40 -13.83 -32.48 -5.12
CA ARG F 40 -14.17 -33.89 -5.21
C ARG F 40 -15.02 -34.27 -4.00
N PRO F 41 -16.05 -35.09 -4.18
CA PRO F 41 -16.85 -35.55 -3.02
C PRO F 41 -16.03 -36.41 -2.08
N GLY F 42 -15.88 -35.93 -0.85
CA GLY F 42 -15.08 -36.58 0.16
C GLY F 42 -13.65 -36.09 0.26
N GLN F 43 -13.20 -35.23 -0.65
CA GLN F 43 -11.84 -34.76 -0.67
C GLN F 43 -11.79 -33.24 -0.51
N GLY F 44 -10.60 -32.74 -0.22
CA GLY F 44 -10.43 -31.33 0.02
C GLY F 44 -10.51 -30.50 -1.25
N LEU F 45 -10.84 -29.23 -1.07
CA LEU F 45 -10.96 -28.31 -2.20
C LEU F 45 -9.60 -27.99 -2.80
N GLU F 46 -9.54 -27.97 -4.13
CA GLU F 46 -8.33 -27.73 -4.89
C GLU F 46 -8.51 -26.46 -5.72
N TRP F 47 -7.53 -26.21 -6.59
CA TRP F 47 -7.52 -24.99 -7.37
C TRP F 47 -7.49 -25.31 -8.86
N ILE F 48 -7.94 -24.33 -9.67
CA ILE F 48 -7.96 -24.48 -11.12
C ILE F 48 -7.22 -23.33 -11.80
N GLY F 49 -7.62 -22.10 -11.50
CA GLY F 49 -7.06 -20.95 -12.16
C GLY F 49 -8.02 -19.78 -12.08
N TRP F 50 -7.58 -18.66 -12.64
CA TRP F 50 -8.38 -17.45 -12.56
C TRP F 50 -8.31 -16.68 -13.87
N ILE F 51 -9.23 -15.73 -14.01
CA ILE F 51 -9.36 -14.93 -15.23
C ILE F 51 -9.80 -13.51 -14.91
N TYR F 52 -8.98 -12.55 -15.29
CA TYR F 52 -9.32 -11.15 -15.10
C TYR F 52 -10.25 -10.67 -16.21
N PRO F 53 -11.33 -9.97 -15.87
CA PRO F 53 -12.25 -9.52 -16.91
C PRO F 53 -11.83 -8.22 -17.59
N GLY F 54 -11.04 -7.42 -16.88
CA GLY F 54 -10.51 -6.19 -17.45
C GLY F 54 -9.76 -6.45 -18.73
N ASN F 55 -8.74 -7.28 -18.66
CA ASN F 55 -7.96 -7.65 -19.82
C ASN F 55 -7.73 -9.13 -19.69
N VAL F 56 -8.47 -9.91 -20.48
CA VAL F 56 -8.69 -11.31 -20.16
C VAL F 56 -7.39 -12.12 -20.24
N LYS F 57 -6.74 -12.30 -19.09
CA LYS F 57 -5.48 -13.03 -19.00
C LYS F 57 -5.75 -14.17 -18.04
N SER F 58 -5.37 -15.39 -18.42
CA SER F 58 -5.65 -16.58 -17.63
C SER F 58 -4.34 -17.28 -17.26
N ILE F 59 -4.31 -17.80 -16.04
CA ILE F 59 -3.17 -18.56 -15.52
C ILE F 59 -3.71 -19.83 -14.90
N TYR F 60 -3.25 -20.97 -15.38
CA TYR F 60 -3.82 -22.26 -14.99
C TYR F 60 -2.93 -22.97 -13.99
N ASN F 61 -3.54 -23.89 -13.24
CA ASN F 61 -2.78 -24.87 -12.49
C ASN F 61 -2.12 -25.85 -13.46
N GLU F 62 -0.99 -26.40 -13.05
CA GLU F 62 -0.24 -27.28 -13.95
C GLU F 62 -0.85 -28.67 -14.07
N LYS F 63 -1.70 -29.06 -13.11
CA LYS F 63 -2.44 -30.31 -13.26
C LYS F 63 -3.68 -30.17 -14.12
N PHE F 64 -4.15 -28.94 -14.35
CA PHE F 64 -5.32 -28.67 -15.19
C PHE F 64 -4.90 -27.57 -16.16
N LYS F 65 -4.28 -27.96 -17.27
CA LYS F 65 -3.84 -27.02 -18.29
C LYS F 65 -4.54 -27.21 -19.63
N GLY F 66 -4.64 -28.44 -20.11
CA GLY F 66 -5.39 -28.72 -21.31
C GLY F 66 -6.81 -29.11 -20.97
N LYS F 67 -7.06 -29.40 -19.70
CA LYS F 67 -8.37 -29.87 -19.26
C LYS F 67 -9.38 -28.74 -19.09
N ALA F 68 -8.98 -27.48 -19.28
CA ALA F 68 -9.90 -26.36 -19.17
C ALA F 68 -9.29 -25.16 -19.88
N THR F 69 -10.15 -24.36 -20.50
CA THR F 69 -9.81 -23.02 -20.94
C THR F 69 -10.88 -22.07 -20.43
N LEU F 70 -10.46 -20.88 -20.01
CA LEU F 70 -11.33 -19.98 -19.26
C LEU F 70 -11.62 -18.74 -20.09
N THR F 71 -12.90 -18.34 -20.11
CA THR F 71 -13.35 -17.22 -20.91
C THR F 71 -14.37 -16.44 -20.08
N ALA F 72 -14.37 -15.12 -20.24
CA ALA F 72 -15.37 -14.29 -19.58
C ALA F 72 -15.73 -13.13 -20.49
N ASP F 73 -17.02 -12.89 -20.66
CA ASP F 73 -17.50 -11.81 -21.51
C ASP F 73 -17.54 -10.51 -20.72
N LYS F 74 -16.89 -9.47 -21.26
CA LYS F 74 -16.67 -8.24 -20.50
C LYS F 74 -17.94 -7.41 -20.40
N SER F 75 -18.69 -7.29 -21.50
CA SER F 75 -19.86 -6.43 -21.54
C SER F 75 -21.16 -7.15 -21.22
N SER F 76 -21.12 -8.44 -20.91
CA SER F 76 -22.32 -9.19 -20.57
C SER F 76 -22.33 -9.70 -19.14
N ASN F 77 -21.25 -9.46 -18.38
CA ASN F 77 -21.09 -9.84 -16.97
C ASN F 77 -21.26 -11.35 -16.78
N THR F 78 -20.58 -12.14 -17.62
CA THR F 78 -20.62 -13.59 -17.55
C THR F 78 -19.22 -14.15 -17.35
N ALA F 79 -19.16 -15.40 -16.94
CA ALA F 79 -17.92 -16.16 -16.86
C ALA F 79 -18.17 -17.56 -17.41
N TYR F 80 -17.12 -18.17 -17.95
CA TYR F 80 -17.24 -19.46 -18.61
C TYR F 80 -16.04 -20.33 -18.30
N MET F 81 -16.31 -21.57 -17.90
CA MET F 81 -15.28 -22.58 -17.68
C MET F 81 -15.45 -23.64 -18.77
N GLN F 82 -14.79 -23.41 -19.91
CA GLN F 82 -14.89 -24.34 -21.02
C GLN F 82 -14.06 -25.58 -20.72
N LEU F 83 -14.69 -26.58 -20.13
CA LEU F 83 -14.03 -27.86 -19.88
C LEU F 83 -13.80 -28.58 -21.21
N SER F 84 -12.72 -29.35 -21.26
CA SER F 84 -12.38 -30.13 -22.44
C SER F 84 -11.93 -31.52 -22.01
N SER F 85 -12.33 -32.52 -22.81
CA SER F 85 -11.94 -33.93 -22.65
C SER F 85 -12.36 -34.47 -21.27
N LEU F 86 -13.68 -34.52 -21.09
CA LEU F 86 -14.27 -34.99 -19.84
C LEU F 86 -13.98 -36.48 -19.66
N THR F 87 -13.48 -36.84 -18.48
CA THR F 87 -13.16 -38.22 -18.14
C THR F 87 -13.87 -38.54 -16.83
N SER F 88 -14.01 -39.84 -16.54
CA SER F 88 -14.85 -40.30 -15.44
C SER F 88 -14.32 -39.92 -14.06
N GLU F 89 -13.05 -39.57 -13.94
CA GLU F 89 -12.54 -39.09 -12.66
C GLU F 89 -13.00 -37.66 -12.37
N ASP F 90 -13.34 -36.88 -13.39
CA ASP F 90 -13.87 -35.53 -13.20
C ASP F 90 -15.36 -35.53 -12.86
N SER F 91 -15.68 -36.13 -11.72
CA SER F 91 -17.03 -36.10 -11.17
C SER F 91 -16.96 -35.27 -9.89
N ALA F 92 -17.05 -33.95 -10.06
CA ALA F 92 -16.83 -33.03 -8.95
C ALA F 92 -17.50 -31.70 -9.26
N VAL F 93 -17.92 -31.01 -8.21
CA VAL F 93 -18.57 -29.72 -8.33
C VAL F 93 -17.52 -28.63 -8.45
N TYR F 94 -17.72 -27.71 -9.40
CA TYR F 94 -16.76 -26.65 -9.69
C TYR F 94 -17.42 -25.31 -9.42
N PHE F 95 -17.06 -24.67 -8.31
CA PHE F 95 -17.65 -23.38 -7.98
C PHE F 95 -17.08 -22.27 -8.86
N CYS F 96 -17.74 -21.12 -8.81
CA CYS F 96 -17.11 -19.86 -9.16
C CYS F 96 -16.49 -19.25 -7.91
N ALA F 97 -15.66 -18.25 -8.11
CA ALA F 97 -15.04 -17.53 -7.00
C ALA F 97 -14.61 -16.16 -7.48
N GLY F 98 -15.08 -15.12 -6.81
CA GLY F 98 -14.70 -13.76 -7.12
C GLY F 98 -13.98 -13.13 -5.95
N GLU F 99 -12.92 -12.38 -6.24
CA GLU F 99 -12.12 -11.82 -5.16
C GLU F 99 -11.35 -10.61 -5.66
N GLU F 100 -10.87 -9.81 -4.70
CA GLU F 100 -10.06 -8.63 -4.98
C GLU F 100 -8.83 -8.59 -4.07
N HIS F 101 -8.96 -9.13 -2.86
CA HIS F 101 -8.17 -8.74 -1.68
C HIS F 101 -6.94 -9.60 -1.46
N GLY F 102 -6.26 -10.04 -2.50
CA GLY F 102 -5.28 -11.07 -2.30
C GLY F 102 -5.98 -12.40 -2.42
N ASN F 103 -5.40 -13.43 -1.80
CA ASN F 103 -5.95 -14.79 -1.91
C ASN F 103 -7.03 -15.01 -0.84
N TYR F 104 -8.13 -14.28 -0.99
CA TYR F 104 -9.26 -14.37 -0.08
C TYR F 104 -10.55 -14.12 -0.86
N PHE F 105 -11.40 -15.13 -0.93
CA PHE F 105 -12.59 -15.06 -1.75
C PHE F 105 -13.69 -14.29 -1.03
N ASP F 106 -14.21 -13.24 -1.66
CA ASP F 106 -15.39 -12.56 -1.13
C ASP F 106 -16.66 -13.35 -1.39
N PHE F 107 -16.77 -13.98 -2.55
CA PHE F 107 -18.04 -14.52 -2.99
C PHE F 107 -17.87 -15.94 -3.48
N TRP F 108 -19.00 -16.59 -3.69
CA TRP F 108 -19.09 -17.90 -4.29
C TRP F 108 -20.38 -17.98 -5.10
N GLY F 109 -20.48 -19.01 -5.93
CA GLY F 109 -21.69 -19.27 -6.69
C GLY F 109 -22.39 -20.53 -6.22
N GLN F 110 -23.61 -20.70 -6.71
CA GLN F 110 -24.35 -21.92 -6.46
C GLN F 110 -23.74 -23.05 -7.26
N GLY F 111 -23.17 -24.04 -6.55
CA GLY F 111 -22.23 -24.96 -7.15
C GLY F 111 -22.83 -25.87 -8.21
N THR F 112 -22.18 -25.96 -9.36
CA THR F 112 -22.65 -26.76 -10.49
C THR F 112 -21.99 -28.13 -10.40
N THR F 113 -22.69 -29.09 -9.80
CA THR F 113 -22.18 -30.45 -9.77
C THR F 113 -22.25 -31.05 -11.15
N LEU F 114 -21.08 -31.36 -11.72
CA LEU F 114 -20.97 -31.93 -13.05
C LEU F 114 -20.48 -33.36 -12.88
N THR F 115 -21.37 -34.32 -13.09
CA THR F 115 -21.10 -35.72 -12.87
C THR F 115 -21.08 -36.43 -14.22
N VAL F 116 -20.15 -37.37 -14.39
CA VAL F 116 -20.03 -38.07 -15.66
C VAL F 116 -21.15 -39.08 -15.81
N SER F 117 -21.40 -39.46 -17.06
CA SER F 117 -22.35 -40.49 -17.41
C SER F 117 -21.62 -41.62 -18.13
N GLN F 118 -22.29 -42.77 -18.20
CA GLN F 118 -21.74 -43.93 -18.89
C GLN F 118 -22.83 -44.63 -19.70
N GLN G 1 4.87 -24.22 -5.15
CA GLN G 1 4.94 -25.43 -4.33
C GLN G 1 4.91 -25.12 -2.85
N ILE G 2 3.81 -24.56 -2.37
CA ILE G 2 3.62 -24.28 -0.95
C ILE G 2 2.58 -25.28 -0.45
N VAL G 3 3.05 -26.42 0.05
CA VAL G 3 2.14 -27.40 0.62
C VAL G 3 1.91 -27.08 2.08
N LEU G 4 0.72 -27.41 2.57
CA LEU G 4 0.32 -27.11 3.94
C LEU G 4 -0.05 -28.39 4.66
N SER G 5 -0.29 -28.26 5.97
CA SER G 5 -0.66 -29.41 6.78
C SER G 5 -1.57 -28.92 7.91
N GLN G 6 -2.88 -29.08 7.72
CA GLN G 6 -3.81 -28.95 8.83
C GLN G 6 -3.84 -30.30 9.54
N SER G 7 -3.01 -30.45 10.56
CA SER G 7 -2.84 -31.70 11.28
C SER G 7 -4.11 -32.15 12.03
N PRO G 8 -4.87 -31.28 12.73
CA PRO G 8 -6.15 -31.83 13.23
C PRO G 8 -7.25 -31.83 12.18
N THR G 9 -7.23 -32.87 11.34
CA THR G 9 -8.31 -33.04 10.37
C THR G 9 -9.60 -33.45 11.05
N ILE G 10 -9.62 -34.62 11.68
CA ILE G 10 -10.77 -35.11 12.42
C ILE G 10 -10.60 -34.65 13.86
N LEU G 11 -11.41 -33.69 14.28
CA LEU G 11 -11.38 -33.15 15.62
C LEU G 11 -12.68 -33.55 16.31
N SER G 12 -12.56 -34.26 17.43
CA SER G 12 -13.71 -34.67 18.23
C SER G 12 -13.76 -33.83 19.50
N ALA G 13 -14.89 -33.17 19.73
CA ALA G 13 -14.98 -32.22 20.83
C ALA G 13 -16.41 -32.10 21.30
N SER G 14 -16.62 -32.20 22.61
CA SER G 14 -17.90 -31.87 23.20
C SER G 14 -18.16 -30.36 23.08
N PRO G 15 -19.43 -29.94 23.02
CA PRO G 15 -19.72 -28.51 22.85
C PRO G 15 -19.38 -27.69 24.08
N GLY G 16 -19.09 -26.42 23.83
CA GLY G 16 -18.77 -25.49 24.90
C GLY G 16 -17.37 -25.61 25.45
N GLU G 17 -16.47 -26.29 24.75
CA GLU G 17 -15.11 -26.49 25.22
C GLU G 17 -14.13 -25.69 24.37
N LYS G 18 -12.93 -25.51 24.89
CA LYS G 18 -11.89 -24.79 24.18
C LYS G 18 -10.99 -25.80 23.47
N VAL G 19 -11.18 -25.95 22.16
CA VAL G 19 -10.30 -26.75 21.32
C VAL G 19 -9.74 -25.84 20.23
N THR G 20 -8.68 -26.32 19.58
CA THR G 20 -8.01 -25.56 18.55
C THR G 20 -7.55 -26.50 17.45
N MET G 21 -7.17 -25.91 16.33
CA MET G 21 -6.60 -26.65 15.21
C MET G 21 -5.48 -25.81 14.59
N THR G 22 -4.44 -26.49 14.13
CA THR G 22 -3.27 -25.83 13.58
C THR G 22 -3.13 -26.15 12.10
N CYS G 23 -2.49 -25.23 11.38
CA CYS G 23 -2.18 -25.41 9.96
C CYS G 23 -0.69 -25.20 9.78
N ARG G 24 0.05 -26.28 9.62
CA ARG G 24 1.48 -26.19 9.38
C ARG G 24 1.74 -25.70 7.97
N ALA G 25 2.82 -24.93 7.79
CA ALA G 25 3.20 -24.37 6.48
C ALA G 25 4.45 -25.04 5.88
N ASN G 26 5.06 -24.40 4.89
CA ASN G 26 6.30 -24.91 4.28
C ASN G 26 7.38 -23.83 4.09
N SER G 27 7.27 -23.04 3.03
CA SER G 27 8.26 -22.01 2.74
C SER G 27 7.69 -20.73 3.29
N SER G 28 8.44 -19.63 3.31
CA SER G 28 7.82 -18.54 4.07
C SER G 28 6.61 -17.95 3.37
N VAL G 29 5.63 -17.56 4.19
CA VAL G 29 4.32 -17.14 3.72
C VAL G 29 3.91 -15.92 4.55
N GLY G 30 2.87 -15.23 4.11
CA GLY G 30 2.38 -14.07 4.83
C GLY G 30 1.26 -14.41 5.80
N PHE G 31 0.04 -14.02 5.48
CA PHE G 31 -1.13 -14.31 6.30
C PHE G 31 -1.86 -15.52 5.77
N MET G 32 -2.78 -16.04 6.58
CA MET G 32 -3.59 -17.21 6.23
C MET G 32 -5.05 -16.91 6.52
N HIS G 33 -5.81 -16.59 5.48
CA HIS G 33 -7.25 -16.44 5.62
C HIS G 33 -7.92 -17.79 5.87
N TRP G 34 -9.18 -17.74 6.26
CA TRP G 34 -9.95 -18.95 6.53
C TRP G 34 -11.34 -18.79 5.92
N CYS G 35 -11.90 -19.92 5.48
CA CYS G 35 -13.27 -19.97 4.99
C CYS G 35 -13.94 -21.24 5.52
N GLN G 36 -15.24 -21.17 5.72
CA GLN G 36 -16.02 -22.27 6.26
C GLN G 36 -16.94 -22.82 5.18
N GLN G 37 -16.82 -24.12 4.91
CA GLN G 37 -17.63 -24.80 3.91
C GLN G 37 -18.57 -25.76 4.64
N LYS G 38 -19.85 -25.46 4.63
CA LYS G 38 -20.85 -26.33 5.22
C LYS G 38 -21.03 -27.58 4.34
N PRO G 39 -21.35 -28.74 4.94
CA PRO G 39 -21.46 -29.98 4.15
C PRO G 39 -22.65 -29.97 3.20
N GLY G 40 -22.36 -29.92 1.90
CA GLY G 40 -23.38 -29.98 0.88
C GLY G 40 -23.88 -28.64 0.37
N SER G 41 -23.13 -27.56 0.58
CA SER G 41 -23.59 -26.24 0.15
C SER G 41 -22.37 -25.38 -0.15
N SER G 42 -22.63 -24.10 -0.43
CA SER G 42 -21.57 -23.18 -0.78
C SER G 42 -20.77 -22.77 0.46
N PRO G 43 -19.46 -22.62 0.35
CA PRO G 43 -18.66 -22.12 1.46
C PRO G 43 -18.88 -20.62 1.68
N LYS G 44 -18.38 -20.15 2.82
CA LYS G 44 -18.52 -18.76 3.25
C LYS G 44 -17.17 -18.22 3.70
N PRO G 45 -16.87 -16.96 3.41
CA PRO G 45 -15.65 -16.34 3.94
C PRO G 45 -15.77 -16.16 5.44
N TRP G 46 -14.84 -16.73 6.19
CA TRP G 46 -14.93 -16.80 7.65
C TRP G 46 -14.07 -15.77 8.36
N ILE G 47 -12.75 -15.81 8.15
CA ILE G 47 -11.81 -14.92 8.80
C ILE G 47 -11.01 -14.19 7.73
N TYR G 48 -10.57 -12.98 8.06
CA TYR G 48 -9.55 -12.29 7.27
C TYR G 48 -8.18 -12.74 7.75
N ALA G 49 -7.14 -11.94 7.46
CA ALA G 49 -5.72 -12.30 7.49
C ALA G 49 -5.26 -13.14 8.68
N THR G 50 -5.42 -12.64 9.88
CA THR G 50 -5.26 -13.58 11.00
C THR G 50 -6.37 -13.46 12.03
N SER G 51 -6.80 -12.25 12.38
CA SER G 51 -7.81 -12.10 13.42
C SER G 51 -8.82 -11.00 13.15
N ASN G 52 -9.09 -10.66 11.89
CA ASN G 52 -10.25 -9.85 11.55
C ASN G 52 -11.35 -10.80 11.08
N LEU G 53 -12.55 -10.65 11.64
CA LEU G 53 -13.51 -11.74 11.64
C LEU G 53 -14.60 -11.62 10.56
N ALA G 54 -14.41 -10.74 9.57
CA ALA G 54 -15.17 -10.69 8.32
C ALA G 54 -16.67 -10.40 8.51
N SER G 55 -17.05 -9.87 9.68
CA SER G 55 -18.37 -9.27 9.96
C SER G 55 -19.54 -10.24 9.80
N GLY G 56 -19.32 -11.54 9.98
CA GLY G 56 -20.44 -12.46 9.83
C GLY G 56 -20.44 -13.65 10.79
N VAL G 57 -19.55 -13.63 11.79
CA VAL G 57 -19.35 -14.81 12.62
C VAL G 57 -19.67 -14.49 14.07
N PRO G 58 -19.88 -15.48 14.92
CA PRO G 58 -19.87 -15.22 16.37
C PRO G 58 -18.46 -14.88 16.83
N GLY G 59 -18.39 -14.21 17.98
CA GLY G 59 -17.13 -13.73 18.52
C GLY G 59 -16.24 -14.77 19.16
N ARG G 60 -16.60 -16.05 19.12
CA ARG G 60 -15.77 -17.07 19.73
C ARG G 60 -14.59 -17.46 18.83
N PHE G 61 -14.72 -17.25 17.52
CA PHE G 61 -13.65 -17.56 16.59
C PHE G 61 -12.58 -16.47 16.63
N SER G 62 -11.33 -16.87 16.87
CA SER G 62 -10.19 -15.95 16.80
C SER G 62 -8.94 -16.78 16.61
N GLY G 63 -8.26 -16.60 15.48
CA GLY G 63 -7.08 -17.35 15.15
C GLY G 63 -5.81 -16.52 15.30
N SER G 64 -4.70 -17.23 15.44
CA SER G 64 -3.43 -16.59 15.79
C SER G 64 -2.32 -17.19 14.94
N GLY G 65 -1.11 -16.66 15.14
CA GLY G 65 0.06 -17.16 14.46
C GLY G 65 0.78 -16.10 13.65
N SER G 66 2.05 -16.34 13.34
CA SER G 66 2.83 -15.46 12.48
C SER G 66 3.98 -16.25 11.88
N GLY G 67 4.35 -15.88 10.66
CA GLY G 67 5.48 -16.50 10.00
C GLY G 67 5.14 -17.80 9.27
N THR G 68 5.58 -18.93 9.82
CA THR G 68 5.31 -20.23 9.24
C THR G 68 4.49 -21.14 10.14
N SER G 69 3.91 -20.61 11.22
CA SER G 69 3.04 -21.39 12.10
C SER G 69 1.76 -20.59 12.33
N TYR G 70 0.63 -21.20 12.01
CA TYR G 70 -0.66 -20.54 12.17
C TYR G 70 -1.68 -21.54 12.69
N SER G 71 -2.60 -21.03 13.52
CA SER G 71 -3.60 -21.88 14.13
C SER G 71 -4.86 -21.07 14.38
N LEU G 72 -5.96 -21.80 14.56
CA LEU G 72 -7.26 -21.22 14.85
C LEU G 72 -7.73 -21.75 16.20
N THR G 73 -8.20 -20.84 17.06
CA THR G 73 -8.59 -21.18 18.42
C THR G 73 -10.07 -20.90 18.62
N ILE G 74 -10.80 -21.92 19.05
CA ILE G 74 -12.23 -21.82 19.36
C ILE G 74 -12.38 -21.87 20.87
N SER G 75 -13.06 -20.87 21.44
CA SER G 75 -13.25 -20.84 22.88
C SER G 75 -14.35 -21.78 23.32
N ARG G 76 -15.45 -21.83 22.56
CA ARG G 76 -16.57 -22.71 22.89
C ARG G 76 -17.13 -23.34 21.62
N VAL G 77 -17.30 -24.66 21.65
CA VAL G 77 -17.80 -25.44 20.52
C VAL G 77 -19.32 -25.42 20.58
N GLU G 78 -19.97 -25.40 19.42
CA GLU G 78 -21.42 -25.46 19.32
C GLU G 78 -21.83 -26.64 18.45
N ALA G 79 -23.09 -27.06 18.59
CA ALA G 79 -23.66 -28.05 17.70
C ALA G 79 -24.05 -27.47 16.36
N GLU G 80 -24.13 -26.15 16.25
CA GLU G 80 -24.37 -25.51 14.95
C GLU G 80 -23.17 -25.67 14.03
N ASP G 81 -21.96 -25.59 14.60
CA ASP G 81 -20.74 -25.52 13.82
C ASP G 81 -20.14 -26.91 13.62
N ALA G 82 -20.90 -27.75 12.94
CA ALA G 82 -20.41 -29.04 12.46
C ALA G 82 -19.99 -28.93 10.99
N ALA G 83 -19.07 -28.01 10.75
CA ALA G 83 -18.70 -27.60 9.39
C ALA G 83 -17.19 -27.62 9.23
N THR G 84 -16.74 -27.81 7.99
CA THR G 84 -15.33 -27.76 7.69
C THR G 84 -14.83 -26.32 7.75
N TYR G 85 -13.51 -26.17 7.89
CA TYR G 85 -12.85 -24.87 7.90
C TYR G 85 -11.60 -24.97 7.04
N TYR G 86 -11.59 -24.24 5.93
CA TYR G 86 -10.45 -24.24 5.03
C TYR G 86 -9.49 -23.11 5.39
N CYS G 87 -8.37 -23.06 4.68
CA CYS G 87 -7.38 -22.02 4.92
C CYS G 87 -6.66 -21.70 3.63
N GLN G 88 -6.82 -20.48 3.15
CA GLN G 88 -5.98 -20.00 2.07
C GLN G 88 -4.65 -19.51 2.65
N GLN G 89 -3.77 -19.02 1.77
CA GLN G 89 -2.54 -18.44 2.28
C GLN G 89 -2.10 -17.30 1.37
N TRP G 90 -1.79 -16.17 1.99
CA TRP G 90 -1.34 -14.99 1.28
C TRP G 90 0.08 -15.22 0.77
N SER G 91 0.23 -15.29 -0.54
CA SER G 91 1.56 -15.46 -1.13
C SER G 91 1.54 -14.92 -2.54
N SER G 92 2.73 -14.67 -3.09
CA SER G 92 2.84 -14.29 -4.49
C SER G 92 2.54 -15.46 -5.41
N ASP G 93 2.70 -16.68 -4.91
CA ASP G 93 2.40 -17.94 -5.58
C ASP G 93 0.89 -18.11 -5.75
N PRO G 94 0.41 -19.11 -6.50
CA PRO G 94 -1.02 -19.42 -6.49
C PRO G 94 -1.46 -19.90 -5.12
N PRO G 95 -2.67 -19.53 -4.69
CA PRO G 95 -3.19 -20.02 -3.42
C PRO G 95 -3.46 -21.51 -3.46
N THR G 96 -3.34 -22.13 -2.30
CA THR G 96 -3.61 -23.56 -2.16
C THR G 96 -4.25 -23.77 -0.81
N PHE G 97 -5.35 -24.51 -0.78
CA PHE G 97 -6.09 -24.72 0.45
C PHE G 97 -5.38 -25.74 1.34
N GLY G 98 -5.96 -25.99 2.51
CA GLY G 98 -5.39 -26.93 3.45
C GLY G 98 -5.78 -28.35 3.14
N SER G 99 -5.82 -29.17 4.20
CA SER G 99 -6.24 -30.56 4.06
C SER G 99 -7.67 -30.80 4.51
N GLY G 100 -8.20 -29.96 5.38
CA GLY G 100 -9.56 -30.09 5.86
C GLY G 100 -9.59 -30.18 7.37
N THR G 101 -10.68 -29.67 7.96
CA THR G 101 -10.85 -29.65 9.41
C THR G 101 -12.30 -30.07 9.72
N LYS G 102 -12.51 -31.38 9.89
CA LYS G 102 -13.82 -31.89 10.26
C LYS G 102 -14.03 -31.64 11.75
N LEU G 103 -14.89 -30.69 12.09
CA LEU G 103 -15.21 -30.37 13.48
C LEU G 103 -16.44 -31.18 13.87
N GLU G 104 -16.20 -32.37 14.41
CA GLU G 104 -17.26 -33.30 14.75
C GLU G 104 -17.34 -33.44 16.26
N ILE G 105 -18.51 -33.85 16.76
CA ILE G 105 -18.80 -33.84 18.19
C ILE G 105 -19.04 -35.27 18.65
N LYS G 106 -18.35 -35.66 19.73
CA LYS G 106 -18.57 -36.96 20.36
C LYS G 106 -18.66 -36.81 21.87
C1 NAG H . 3.04 -5.31 13.66
C2 NAG H . 3.89 -6.48 14.13
C3 NAG H . 4.01 -6.37 15.64
C4 NAG H . 4.73 -5.06 15.92
C5 NAG H . 3.84 -3.96 15.36
C6 NAG H . 4.37 -2.56 15.62
C7 NAG H . 3.96 -8.57 12.93
C8 NAG H . 3.21 -8.96 11.68
N2 NAG H . 3.31 -7.75 13.75
O3 NAG H . 4.75 -7.51 16.11
O4 NAG H . 4.93 -4.83 17.31
O5 NAG H . 3.73 -4.10 13.95
O6 NAG H . 3.64 -1.64 14.81
O7 NAG H . 5.07 -8.97 13.18
C1 NAG H . 6.30 -5.05 17.72
C2 NAG H . 6.27 -5.90 18.99
C3 NAG H . 7.67 -6.26 19.43
C4 NAG H . 8.42 -6.91 18.28
C5 NAG H . 8.39 -6.04 17.05
C6 NAG H . 8.99 -6.81 15.89
C7 NAG H . 4.33 -5.47 20.36
C8 NAG H . 3.59 -4.37 21.06
N2 NAG H . 5.60 -5.22 20.06
O3 NAG H . 7.59 -7.16 20.54
O4 NAG H . 9.78 -7.15 18.67
O5 NAG H . 7.05 -5.72 16.71
O6 NAG H . 8.16 -7.95 15.66
O7 NAG H . 3.80 -6.53 20.07
C1 NAG I . 8.45 -26.01 0.09
C2 NAG I . 8.31 -27.10 -0.96
C3 NAG I . 9.61 -27.21 -1.74
C4 NAG I . 9.89 -25.86 -2.37
C5 NAG I . 9.99 -24.81 -1.29
C6 NAG I . 10.18 -23.44 -1.92
C7 NAG I . 7.10 -29.15 -1.17
C8 NAG I . 7.27 -30.64 -0.96
N2 NAG I . 7.87 -28.37 -0.42
O3 NAG I . 9.58 -28.20 -2.76
O4 NAG I . 11.11 -25.91 -3.12
O5 NAG I . 8.75 -24.79 -0.57
O6 NAG I . 9.02 -23.14 -2.69
O7 NAG I . 6.33 -28.70 -1.98
#